data_7V6G
#
_entry.id   7V6G
#
_cell.length_a   160.182
_cell.length_b   56.536
_cell.length_c   82.034
_cell.angle_alpha   90.000
_cell.angle_beta   96.070
_cell.angle_gamma   90.000
#
_symmetry.space_group_name_H-M   'C 1 2 1'
#
loop_
_entity.id
_entity.type
_entity.pdbx_description
1 polymer 'Fructose-bisphosphate aldolase'
2 non-polymer 'ZINC ION'
3 non-polymer 1,2-ETHANEDIOL
4 non-polymer ~{N}-(4-aminophenyl)-2-selanyl-benzamide
5 water water
#
_entity_poly.entity_id   1
_entity_poly.type   'polypeptide(L)'
_entity_poly.pdbx_seq_one_letter_code
;MAPPAVLSKSGVIYGKDVKDLFDYAQEKGFAIPAINVTSSSTVVAALEAARDNKAPIILQTSQGGAAYFAGKGVDNKDQA
ASIAGSIAAAHYIRAIAPTYGIPVVLHTDHCAKKLLPWFDGMLKADEEFFAKTGTPLFSSHMLDLSEETDDENIATSAKY
FERMAKMGQWLEMEIGITGGEEDGVNNEHVEKDALYTSPETVFAVYESLHKISPNFSIAAAFGNVHGVYKPGNVQLRPEI
LGDHQVYAKKQIGTDAKHPLYLVFHGGSGSTQEEFNTAIKNGVVKVNLDTDCQYAYLTGIRDYVTNKIEYLKAPVGNPEG
ADKPNKKYFDPRVWVREGEKTMSKRIAEALDIFHTKGQLHHHHHH
;
_entity_poly.pdbx_strand_id   A,B
#
# COMPACT_ATOMS: atom_id res chain seq x y z
N PRO A 3 -25.42 -21.36 -9.69
CA PRO A 3 -24.55 -20.17 -9.72
C PRO A 3 -23.90 -19.92 -8.35
N PRO A 4 -22.58 -20.10 -8.28
CA PRO A 4 -21.90 -20.16 -6.98
C PRO A 4 -21.96 -18.84 -6.23
N ALA A 5 -22.03 -18.96 -4.91
CA ALA A 5 -22.10 -17.79 -4.06
C ALA A 5 -20.93 -16.83 -4.28
N VAL A 6 -19.75 -17.36 -4.64
CA VAL A 6 -18.54 -16.55 -4.78
C VAL A 6 -18.75 -15.37 -5.71
N LEU A 7 -19.61 -15.51 -6.72
CA LEU A 7 -19.78 -14.44 -7.70
C LEU A 7 -20.44 -13.21 -7.11
N SER A 8 -21.19 -13.35 -6.03
CA SER A 8 -21.78 -12.20 -5.36
C SER A 8 -21.01 -11.78 -4.09
N LYS A 9 -19.77 -12.22 -3.93
CA LYS A 9 -18.95 -11.75 -2.81
C LYS A 9 -18.01 -10.63 -3.23
N SER A 10 -17.53 -9.89 -2.24
CA SER A 10 -16.60 -8.79 -2.45
C SER A 10 -15.47 -8.87 -1.44
N GLY A 11 -14.23 -8.80 -1.92
CA GLY A 11 -13.06 -8.92 -1.08
C GLY A 11 -12.22 -10.13 -1.46
N VAL A 12 -11.22 -10.43 -0.62
CA VAL A 12 -10.42 -11.62 -0.85
C VAL A 12 -11.23 -12.84 -0.50
N ILE A 13 -11.13 -13.89 -1.33
CA ILE A 13 -11.87 -15.13 -1.12
C ILE A 13 -10.92 -16.27 -0.77
N TYR A 14 -11.46 -17.27 -0.07
CA TYR A 14 -10.66 -18.40 0.39
C TYR A 14 -11.43 -19.70 0.16
N GLY A 15 -10.71 -20.82 0.29
CA GLY A 15 -11.36 -22.11 0.46
C GLY A 15 -12.20 -22.51 -0.74
N LYS A 16 -13.42 -23.00 -0.45
CA LYS A 16 -14.28 -23.48 -1.52
C LYS A 16 -14.59 -22.37 -2.53
N ASP A 17 -14.66 -21.12 -2.07
CA ASP A 17 -14.95 -20.00 -3.00
C ASP A 17 -13.94 -19.92 -4.14
N VAL A 18 -12.68 -20.28 -3.90
CA VAL A 18 -11.70 -20.25 -4.99
C VAL A 18 -11.98 -21.37 -6.00
N LYS A 19 -12.24 -22.60 -5.51
CA LYS A 19 -12.55 -23.69 -6.43
C LYS A 19 -13.82 -23.40 -7.22
N ASP A 20 -14.88 -22.96 -6.52
CA ASP A 20 -16.13 -22.66 -7.21
C ASP A 20 -15.93 -21.61 -8.29
N LEU A 21 -15.09 -20.60 -8.01
CA LEU A 21 -14.79 -19.60 -9.02
C LEU A 21 -14.12 -20.23 -10.23
N PHE A 22 -13.13 -21.08 -9.99
CA PHE A 22 -12.39 -21.66 -11.10
C PHE A 22 -13.22 -22.66 -11.89
N ASP A 23 -14.14 -23.37 -11.21
CA ASP A 23 -15.07 -24.23 -11.92
C ASP A 23 -16.01 -23.40 -12.78
N TYR A 24 -16.54 -22.32 -12.21
CA TYR A 24 -17.36 -21.40 -13.00
C TYR A 24 -16.61 -20.90 -14.23
N ALA A 25 -15.34 -20.55 -14.07
CA ALA A 25 -14.55 -20.13 -15.23
C ALA A 25 -14.54 -21.20 -16.31
N GLN A 26 -14.44 -22.47 -15.89
CA GLN A 26 -14.37 -23.55 -16.87
C GLN A 26 -15.75 -23.85 -17.46
N GLU A 27 -16.79 -23.85 -16.63
CA GLU A 27 -18.15 -24.01 -17.14
C GLU A 27 -18.51 -22.95 -18.17
N LYS A 28 -18.24 -21.67 -17.86
CA LYS A 28 -18.65 -20.56 -18.72
C LYS A 28 -17.59 -20.15 -19.74
N GLY A 29 -16.48 -20.86 -19.83
CA GLY A 29 -15.49 -20.52 -20.85
C GLY A 29 -14.80 -19.18 -20.69
N PHE A 30 -14.20 -18.89 -19.54
CA PHE A 30 -13.41 -17.68 -19.42
C PHE A 30 -12.22 -17.90 -18.48
N ALA A 31 -11.15 -17.14 -18.74
CA ALA A 31 -9.97 -17.07 -17.90
C ALA A 31 -9.96 -15.76 -17.11
N ILE A 32 -9.32 -15.77 -15.95
CA ILE A 32 -9.19 -14.59 -15.11
C ILE A 32 -7.73 -14.13 -15.16
N PRO A 33 -7.44 -12.89 -15.55
CA PRO A 33 -6.05 -12.45 -15.57
C PRO A 33 -5.48 -12.32 -14.15
N ALA A 34 -4.16 -12.50 -14.07
CA ALA A 34 -3.41 -12.46 -12.82
C ALA A 34 -2.46 -11.27 -12.86
N ILE A 35 -2.69 -10.28 -12.02
CA ILE A 35 -1.98 -9.02 -12.07
C ILE A 35 -0.88 -9.05 -11.01
N ASN A 36 0.38 -9.05 -11.43
CA ASN A 36 1.45 -8.72 -10.51
C ASN A 36 1.20 -7.30 -9.99
N VAL A 37 1.22 -7.16 -8.68
CA VAL A 37 1.07 -5.86 -8.05
C VAL A 37 2.32 -5.61 -7.23
N THR A 38 2.73 -4.35 -7.16
CA THR A 38 3.95 -3.97 -6.49
C THR A 38 3.77 -2.83 -5.51
N SER A 39 2.54 -2.37 -5.30
CA SER A 39 2.32 -1.14 -4.57
C SER A 39 0.83 -1.02 -4.36
N SER A 40 0.44 -0.17 -3.40
CA SER A 40 -0.97 0.11 -3.26
C SER A 40 -1.53 0.69 -4.55
N SER A 41 -0.70 1.41 -5.31
CA SER A 41 -1.17 2.09 -6.51
C SER A 41 -1.45 1.09 -7.63
N THR A 42 -0.60 0.06 -7.77
CA THR A 42 -0.92 -0.96 -8.77
C THR A 42 -2.06 -1.87 -8.32
N VAL A 43 -2.17 -2.14 -7.01
CA VAL A 43 -3.34 -2.86 -6.53
C VAL A 43 -4.61 -2.11 -6.92
N VAL A 44 -4.60 -0.80 -6.72
CA VAL A 44 -5.79 0.02 -6.97
C VAL A 44 -6.19 -0.06 -8.43
N ALA A 45 -5.20 0.00 -9.33
CA ALA A 45 -5.52 0.00 -10.76
C ALA A 45 -6.16 -1.32 -11.17
N ALA A 46 -5.74 -2.43 -10.56
CA ALA A 46 -6.24 -3.74 -10.93
C ALA A 46 -7.68 -3.93 -10.44
N LEU A 47 -7.92 -3.64 -9.15
CA LEU A 47 -9.26 -3.75 -8.59
C LEU A 47 -10.25 -2.85 -9.30
N GLU A 48 -9.81 -1.66 -9.70
CA GLU A 48 -10.70 -0.71 -10.39
C GLU A 48 -11.07 -1.22 -11.78
N ALA A 49 -10.07 -1.64 -12.57
CA ALA A 49 -10.36 -2.30 -13.84
C ALA A 49 -11.34 -3.47 -13.66
N ALA A 50 -11.13 -4.27 -12.61
CA ALA A 50 -11.99 -5.45 -12.43
C ALA A 50 -13.41 -5.04 -12.05
N ARG A 51 -13.55 -4.04 -11.18
CA ARG A 51 -14.88 -3.64 -10.73
C ARG A 51 -15.66 -2.96 -11.83
N ASP A 52 -14.99 -2.13 -12.61
CA ASP A 52 -15.65 -1.42 -13.72
C ASP A 52 -16.09 -2.39 -14.82
N ASN A 53 -15.46 -3.55 -14.95
CA ASN A 53 -15.86 -4.55 -15.93
C ASN A 53 -16.63 -5.70 -15.29
N LYS A 54 -17.10 -5.51 -14.07
CA LYS A 54 -17.84 -6.51 -13.30
C LYS A 54 -17.24 -7.90 -13.48
N ALA A 55 -16.00 -8.04 -13.02
CA ALA A 55 -15.20 -9.24 -13.19
C ALA A 55 -14.50 -9.62 -11.89
N PRO A 56 -14.24 -10.91 -11.70
CA PRO A 56 -13.29 -11.34 -10.67
C PRO A 56 -11.87 -11.10 -11.15
N ILE A 57 -10.93 -11.08 -10.20
CA ILE A 57 -9.55 -10.74 -10.54
C ILE A 57 -8.60 -11.50 -9.62
N ILE A 58 -7.39 -11.73 -10.10
CA ILE A 58 -6.34 -12.29 -9.28
C ILE A 58 -5.23 -11.25 -9.13
N LEU A 59 -4.91 -10.92 -7.88
CA LEU A 59 -3.75 -10.10 -7.55
C LEU A 59 -2.66 -11.01 -7.00
N GLN A 60 -1.44 -10.84 -7.51
CA GLN A 60 -0.36 -11.70 -7.04
C GLN A 60 0.89 -10.86 -6.80
N THR A 61 1.69 -11.24 -5.82
CA THR A 61 3.03 -10.67 -5.64
C THR A 61 4.05 -11.69 -6.10
N SER A 62 4.97 -11.26 -6.96
CA SER A 62 6.15 -12.06 -7.22
C SER A 62 7.09 -11.94 -6.05
N GLN A 63 8.17 -12.71 -6.10
CA GLN A 63 9.17 -12.60 -5.04
C GLN A 63 9.75 -11.18 -4.95
N GLY A 64 9.99 -10.55 -6.10
CA GLY A 64 10.46 -9.19 -6.14
C GLY A 64 9.38 -8.15 -5.89
N GLY A 65 8.17 -8.38 -6.40
CA GLY A 65 7.06 -7.52 -6.03
C GLY A 65 6.81 -7.49 -4.53
N ALA A 66 6.87 -8.64 -3.88
CA ALA A 66 6.64 -8.69 -2.44
C ALA A 66 7.72 -7.91 -1.71
N ALA A 67 8.96 -8.00 -2.17
CA ALA A 67 10.01 -7.25 -1.50
C ALA A 67 9.94 -5.76 -1.84
N TYR A 68 9.40 -5.42 -3.02
CA TYR A 68 9.17 -4.00 -3.30
C TYR A 68 8.10 -3.44 -2.37
N PHE A 69 7.11 -4.25 -2.02
CA PHE A 69 6.11 -3.84 -1.03
C PHE A 69 6.73 -3.61 0.33
N ALA A 70 7.79 -4.34 0.64
CA ALA A 70 8.56 -4.08 1.85
C ALA A 70 9.44 -2.85 1.68
N GLY A 71 9.94 -2.63 0.47
CA GLY A 71 10.88 -1.58 0.13
C GLY A 71 12.23 -2.20 -0.20
N LYS A 72 12.86 -1.66 -1.26
CA LYS A 72 14.12 -2.19 -1.76
C LYS A 72 15.27 -1.98 -0.80
N GLY A 73 15.16 -1.01 0.11
CA GLY A 73 16.20 -0.84 1.11
C GLY A 73 16.18 -1.82 2.27
N VAL A 74 15.26 -2.79 2.25
CA VAL A 74 15.17 -3.80 3.29
C VAL A 74 15.98 -5.01 2.82
N ASP A 75 16.97 -5.41 3.62
CA ASP A 75 17.81 -6.53 3.24
C ASP A 75 16.97 -7.78 2.98
N ASN A 76 17.23 -8.44 1.84
CA ASN A 76 16.46 -9.59 1.38
C ASN A 76 17.33 -10.82 1.13
N LYS A 77 18.52 -10.88 1.74
CA LYS A 77 19.38 -12.05 1.63
C LYS A 77 18.70 -13.30 2.17
N ASP A 78 17.83 -13.16 3.17
CA ASP A 78 17.18 -14.33 3.76
C ASP A 78 15.67 -14.29 3.60
N GLN A 79 15.20 -13.62 2.54
CA GLN A 79 13.80 -13.51 2.13
C GLN A 79 12.95 -12.70 3.11
N ALA A 80 13.57 -12.04 4.11
CA ALA A 80 12.79 -11.35 5.14
C ALA A 80 11.95 -10.23 4.55
N ALA A 81 12.45 -9.57 3.51
CA ALA A 81 11.68 -8.51 2.84
C ALA A 81 10.53 -9.08 1.97
N SER A 82 10.76 -10.16 1.21
CA SER A 82 9.65 -10.76 0.48
C SER A 82 8.58 -11.27 1.43
N ILE A 83 9.00 -11.80 2.58
CA ILE A 83 8.03 -12.31 3.54
C ILE A 83 7.22 -11.16 4.12
N ALA A 84 7.91 -10.17 4.71
CA ALA A 84 7.22 -9.08 5.40
C ALA A 84 6.38 -8.28 4.44
N GLY A 85 6.87 -8.10 3.20
CA GLY A 85 6.18 -7.28 2.23
C GLY A 85 5.00 -8.00 1.61
N SER A 86 5.14 -9.30 1.33
CA SER A 86 3.97 -10.08 0.91
C SER A 86 2.91 -10.08 2.00
N ILE A 87 3.31 -10.06 3.27
CA ILE A 87 2.33 -10.06 4.36
C ILE A 87 1.66 -8.69 4.46
N ALA A 88 2.43 -7.61 4.28
CA ALA A 88 1.86 -6.26 4.32
C ALA A 88 0.95 -6.01 3.12
N ALA A 89 1.35 -6.46 1.93
CA ALA A 89 0.45 -6.33 0.80
C ALA A 89 -0.83 -7.11 1.03
N ALA A 90 -0.72 -8.29 1.67
CA ALA A 90 -1.88 -9.14 1.90
C ALA A 90 -2.87 -8.45 2.80
N HIS A 91 -2.36 -7.84 3.89
CA HIS A 91 -3.24 -7.10 4.77
C HIS A 91 -3.85 -5.90 4.06
N TYR A 92 -3.05 -5.16 3.29
CA TYR A 92 -3.60 -4.00 2.58
C TYR A 92 -4.71 -4.45 1.65
N ILE A 93 -4.43 -5.44 0.81
CA ILE A 93 -5.39 -5.87 -0.21
C ILE A 93 -6.67 -6.36 0.45
N ARG A 94 -6.56 -7.21 1.45
CA ARG A 94 -7.74 -7.61 2.21
C ARG A 94 -8.51 -6.41 2.74
N ALA A 95 -7.81 -5.36 3.20
CA ALA A 95 -8.55 -4.25 3.80
C ALA A 95 -9.31 -3.46 2.74
N ILE A 96 -8.69 -3.21 1.59
CA ILE A 96 -9.34 -2.35 0.61
C ILE A 96 -10.21 -3.15 -0.37
N ALA A 97 -9.86 -4.40 -0.68
CA ALA A 97 -10.56 -5.13 -1.74
C ALA A 97 -12.08 -5.19 -1.58
N PRO A 98 -12.65 -5.36 -0.38
CA PRO A 98 -14.13 -5.34 -0.28
C PRO A 98 -14.76 -4.09 -0.87
N THR A 99 -14.05 -2.96 -0.83
CA THR A 99 -14.61 -1.68 -1.26
C THR A 99 -14.90 -1.68 -2.76
N TYR A 100 -14.25 -2.55 -3.53
CA TYR A 100 -14.45 -2.61 -4.97
C TYR A 100 -15.53 -3.62 -5.38
N GLY A 101 -16.21 -4.24 -4.42
CA GLY A 101 -17.40 -5.03 -4.70
C GLY A 101 -17.21 -6.28 -5.54
N ILE A 102 -16.02 -6.89 -5.54
CA ILE A 102 -15.73 -8.02 -6.41
C ILE A 102 -14.93 -9.08 -5.63
N PRO A 103 -15.07 -10.35 -6.05
CA PRO A 103 -14.21 -11.39 -5.45
C PRO A 103 -12.78 -11.28 -5.97
N VAL A 104 -11.82 -11.45 -5.05
CA VAL A 104 -10.39 -11.30 -5.36
C VAL A 104 -9.63 -12.53 -4.86
N VAL A 105 -8.81 -13.10 -5.73
CA VAL A 105 -7.93 -14.20 -5.37
C VAL A 105 -6.56 -13.61 -5.08
N LEU A 106 -6.10 -13.73 -3.84
CA LEU A 106 -4.80 -13.19 -3.41
C LEU A 106 -3.76 -14.32 -3.48
N HIS A 107 -2.80 -14.17 -4.36
CA HIS A 107 -1.93 -15.23 -4.84
C HIS A 107 -0.50 -14.73 -4.74
N THR A 108 0.44 -15.67 -4.73
CA THR A 108 1.84 -15.32 -4.86
C THR A 108 2.44 -16.12 -6.01
N ASP A 109 3.41 -15.49 -6.67
CA ASP A 109 3.87 -15.83 -7.98
C ASP A 109 5.07 -16.78 -7.86
N HIS A 110 5.79 -16.97 -8.97
CA HIS A 110 6.89 -17.93 -9.08
C HIS A 110 7.76 -18.02 -7.83
N CYS A 111 7.91 -19.24 -7.30
CA CYS A 111 8.80 -19.54 -6.19
C CYS A 111 9.59 -20.82 -6.54
N ALA A 112 10.83 -20.65 -7.03
CA ALA A 112 11.70 -21.78 -7.33
C ALA A 112 12.38 -22.25 -6.06
N LYS A 113 13.17 -23.33 -6.17
CA LYS A 113 13.67 -24.03 -5.00
C LYS A 113 14.51 -23.12 -4.10
N LYS A 114 15.28 -22.19 -4.68
CA LYS A 114 16.16 -21.36 -3.83
C LYS A 114 15.41 -20.27 -3.09
N LEU A 115 14.13 -20.05 -3.38
CA LEU A 115 13.29 -19.08 -2.68
C LEU A 115 12.27 -19.75 -1.77
N LEU A 116 12.41 -21.04 -1.50
CA LEU A 116 11.47 -21.70 -0.59
C LEU A 116 11.45 -21.09 0.80
N PRO A 117 12.51 -20.45 1.31
CA PRO A 117 12.35 -19.71 2.57
C PRO A 117 11.29 -18.63 2.51
N TRP A 118 11.08 -18.00 1.35
CA TRP A 118 10.00 -17.02 1.23
C TRP A 118 8.64 -17.71 1.34
N PHE A 119 8.46 -18.80 0.60
CA PHE A 119 7.29 -19.68 0.76
C PHE A 119 7.10 -20.07 2.22
N ASP A 120 8.13 -20.58 2.85
CA ASP A 120 8.08 -20.98 4.22
C ASP A 120 7.58 -19.90 5.16
N GLY A 121 8.03 -18.68 4.97
CA GLY A 121 7.60 -17.57 5.78
C GLY A 121 6.15 -17.21 5.56
N MET A 122 5.66 -17.30 4.32
CA MET A 122 4.25 -17.02 4.11
C MET A 122 3.38 -18.09 4.75
N LEU A 123 3.77 -19.33 4.66
CA LEU A 123 3.02 -20.42 5.21
C LEU A 123 2.86 -20.35 6.70
N LYS A 124 3.91 -20.00 7.39
CA LYS A 124 3.85 -19.85 8.79
C LYS A 124 2.91 -18.75 9.13
N ALA A 125 2.94 -17.69 8.37
CA ALA A 125 2.02 -16.63 8.62
C ALA A 125 0.60 -17.07 8.31
N ASP A 126 0.41 -17.83 7.27
CA ASP A 126 -0.90 -18.33 6.97
C ASP A 126 -1.42 -19.19 8.07
N GLU A 127 -0.63 -20.09 8.57
CA GLU A 127 -1.05 -20.92 9.66
C GLU A 127 -1.44 -20.13 10.90
N GLU A 128 -0.66 -19.13 11.23
CA GLU A 128 -0.96 -18.29 12.32
C GLU A 128 -2.28 -17.65 12.13
N PHE A 129 -2.52 -17.11 10.97
CA PHE A 129 -3.75 -16.41 10.65
C PHE A 129 -4.89 -17.35 10.65
N PHE A 130 -4.66 -18.52 10.11
CA PHE A 130 -5.68 -19.51 10.03
C PHE A 130 -6.10 -19.95 11.39
N ALA A 131 -5.18 -20.12 12.29
CA ALA A 131 -5.51 -20.48 13.63
C ALA A 131 -6.36 -19.48 14.37
N LYS A 132 -6.25 -18.20 14.10
CA LYS A 132 -7.05 -17.27 14.81
C LYS A 132 -8.19 -16.67 14.04
N THR A 133 -8.28 -16.88 12.75
CA THR A 133 -9.40 -16.32 12.00
C THR A 133 -10.21 -17.35 11.21
N GLY A 134 -9.69 -18.56 11.01
CA GLY A 134 -10.42 -19.57 10.23
C GLY A 134 -10.09 -19.63 8.75
N THR A 135 -9.47 -18.60 8.18
CA THR A 135 -8.94 -18.62 6.82
C THR A 135 -7.45 -18.31 6.85
N PRO A 136 -6.68 -18.77 5.85
CA PRO A 136 -5.29 -18.31 5.75
C PRO A 136 -5.24 -16.83 5.37
N LEU A 137 -4.03 -16.28 5.21
CA LEU A 137 -3.87 -14.88 4.81
C LEU A 137 -3.91 -14.74 3.29
N PHE A 138 -3.21 -15.62 2.57
CA PHE A 138 -3.20 -15.66 1.12
C PHE A 138 -4.22 -16.68 0.62
N SER A 139 -4.88 -16.36 -0.50
CA SER A 139 -5.83 -17.31 -1.10
C SER A 139 -5.09 -18.49 -1.69
N SER A 140 -3.87 -18.27 -2.15
CA SER A 140 -3.28 -19.15 -3.13
C SER A 140 -1.77 -18.94 -3.08
N HIS A 141 -1.00 -20.00 -3.33
CA HIS A 141 0.43 -19.86 -3.52
C HIS A 141 0.87 -20.64 -4.75
N MET A 142 1.93 -20.17 -5.39
CA MET A 142 2.60 -20.89 -6.47
C MET A 142 3.97 -21.41 -6.06
N LEU A 143 4.27 -22.61 -6.52
CA LEU A 143 5.60 -23.21 -6.55
C LEU A 143 6.03 -23.33 -8.00
N ASP A 144 7.30 -23.09 -8.28
CA ASP A 144 7.85 -23.30 -9.62
C ASP A 144 9.14 -24.10 -9.43
N LEU A 145 8.98 -25.39 -9.16
CA LEU A 145 10.12 -26.29 -9.13
C LEU A 145 10.36 -26.92 -10.49
N SER A 146 10.02 -26.20 -11.56
CA SER A 146 10.11 -26.77 -12.91
C SER A 146 11.54 -27.04 -13.34
N GLU A 147 12.53 -26.47 -12.68
CA GLU A 147 13.91 -26.79 -13.02
C GLU A 147 14.43 -28.00 -12.27
N GLU A 148 13.71 -28.45 -11.25
CA GLU A 148 14.08 -29.66 -10.55
C GLU A 148 13.60 -30.86 -11.33
N THR A 149 14.01 -32.04 -10.90
CA THR A 149 13.47 -33.23 -11.53
C THR A 149 11.99 -33.32 -11.19
N ASP A 150 11.22 -33.85 -12.14
CA ASP A 150 9.77 -33.89 -11.99
C ASP A 150 9.38 -34.68 -10.75
N ASP A 151 10.08 -35.78 -10.49
CA ASP A 151 9.90 -36.52 -9.25
C ASP A 151 10.06 -35.61 -8.04
N GLU A 152 11.19 -34.90 -7.97
CA GLU A 152 11.44 -34.00 -6.84
C GLU A 152 10.41 -32.89 -6.79
N ASN A 153 10.14 -32.27 -7.94
CA ASN A 153 9.09 -31.26 -8.00
C ASN A 153 7.78 -31.78 -7.43
N ILE A 154 7.34 -32.94 -7.92
CA ILE A 154 6.05 -33.46 -7.48
C ILE A 154 6.09 -33.79 -5.99
N ALA A 155 7.17 -34.41 -5.52
CA ALA A 155 7.28 -34.74 -4.11
C ALA A 155 7.26 -33.48 -3.26
N THR A 156 8.06 -32.46 -3.61
CA THR A 156 8.12 -31.27 -2.79
C THR A 156 6.80 -30.50 -2.82
N SER A 157 6.20 -30.38 -4.00
CA SER A 157 4.87 -29.78 -4.08
C SER A 157 3.91 -30.49 -3.14
N ALA A 158 3.89 -31.80 -3.20
CA ALA A 158 3.01 -32.57 -2.36
C ALA A 158 3.25 -32.36 -0.89
N LYS A 159 4.47 -32.20 -0.49
CA LYS A 159 4.78 -31.98 0.88
C LYS A 159 4.17 -30.66 1.36
N TYR A 160 4.33 -29.63 0.59
CA TYR A 160 3.83 -28.33 0.92
C TYR A 160 2.36 -28.34 0.85
N PHE A 161 1.83 -29.02 -0.13
CA PHE A 161 0.40 -29.12 -0.33
C PHE A 161 -0.34 -29.76 0.82
N GLU A 162 0.27 -30.70 1.51
CA GLU A 162 -0.37 -31.32 2.64
C GLU A 162 -0.64 -30.33 3.72
N ARG A 163 0.35 -29.50 3.95
CA ARG A 163 0.29 -28.45 4.90
C ARG A 163 -0.66 -27.34 4.43
N MET A 164 -0.79 -27.14 3.15
CA MET A 164 -1.65 -26.13 2.62
C MET A 164 -3.08 -26.56 2.62
N ALA A 165 -3.31 -27.84 2.52
CA ALA A 165 -4.64 -28.38 2.50
C ALA A 165 -5.35 -28.33 3.80
N LYS A 166 -4.65 -28.18 4.90
CA LYS A 166 -5.24 -27.98 6.19
C LYS A 166 -5.98 -26.66 6.30
N MET A 167 -5.60 -25.66 5.54
CA MET A 167 -6.32 -24.44 5.50
C MET A 167 -7.08 -24.31 4.21
N GLY A 168 -7.36 -25.39 3.52
CA GLY A 168 -8.10 -25.32 2.26
C GLY A 168 -7.49 -24.38 1.24
N GLN A 169 -6.17 -24.21 1.27
CA GLN A 169 -5.50 -23.21 0.48
C GLN A 169 -5.14 -23.77 -0.90
N TRP A 170 -5.30 -22.94 -1.93
CA TRP A 170 -5.01 -23.33 -3.30
C TRP A 170 -3.50 -23.32 -3.54
N LEU A 171 -3.03 -24.28 -4.33
CA LEU A 171 -1.65 -24.35 -4.77
C LEU A 171 -1.58 -24.36 -6.29
N GLU A 172 -0.84 -23.41 -6.87
CA GLU A 172 -0.45 -23.50 -8.27
C GLU A 172 0.96 -24.07 -8.35
N MET A 173 1.17 -24.99 -9.28
CA MET A 173 2.48 -25.61 -9.45
C MET A 173 2.84 -25.58 -10.92
N GLU A 174 4.12 -25.36 -11.21
CA GLU A 174 4.62 -25.31 -12.57
C GLU A 174 5.56 -26.48 -12.81
N ILE A 175 5.32 -27.20 -13.91
CA ILE A 175 6.19 -28.27 -14.36
C ILE A 175 6.64 -27.92 -15.77
N GLY A 176 7.91 -28.25 -16.09
CA GLY A 176 8.49 -27.90 -17.37
C GLY A 176 8.83 -29.12 -18.21
N ILE A 177 10.09 -29.21 -18.64
CA ILE A 177 10.53 -30.25 -19.56
C ILE A 177 11.82 -30.91 -19.07
N THR A 178 12.05 -30.92 -17.76
CA THR A 178 13.28 -31.54 -17.26
C THR A 178 13.15 -33.06 -17.15
N GLY A 179 12.17 -33.55 -16.40
CA GLY A 179 11.96 -34.99 -16.30
C GLY A 179 12.86 -35.76 -15.36
N GLY A 180 14.12 -35.95 -15.75
CA GLY A 180 15.09 -36.69 -14.95
C GLY A 180 16.48 -36.79 -15.59
N LEU A 195 10.52 -28.97 -27.42
CA LEU A 195 10.00 -29.94 -26.45
C LEU A 195 8.94 -29.31 -25.55
N TYR A 196 7.94 -30.10 -25.18
CA TYR A 196 6.83 -29.63 -24.38
C TYR A 196 6.63 -30.61 -23.23
N THR A 197 5.77 -30.23 -22.28
CA THR A 197 5.44 -31.13 -21.17
C THR A 197 4.47 -32.20 -21.67
N SER A 198 4.84 -33.46 -21.44
CA SER A 198 4.03 -34.56 -21.94
C SER A 198 2.77 -34.71 -21.10
N PRO A 199 1.62 -35.02 -21.71
CA PRO A 199 0.39 -35.19 -20.92
C PRO A 199 0.52 -36.17 -19.76
N GLU A 200 1.32 -37.23 -19.91
CA GLU A 200 1.49 -38.18 -18.83
C GLU A 200 2.26 -37.55 -17.68
N THR A 201 3.17 -36.61 -17.97
CA THR A 201 3.84 -35.86 -16.92
C THR A 201 2.84 -35.04 -16.10
N VAL A 202 2.01 -34.25 -16.78
CA VAL A 202 0.95 -33.50 -16.11
C VAL A 202 0.12 -34.43 -15.23
N PHE A 203 -0.22 -35.62 -15.75
CA PHE A 203 -1.10 -36.50 -14.98
C PHE A 203 -0.41 -37.01 -13.70
N ALA A 204 0.90 -37.22 -13.74
CA ALA A 204 1.59 -37.59 -12.51
C ALA A 204 1.52 -36.45 -11.49
N VAL A 205 1.55 -35.19 -11.94
CA VAL A 205 1.29 -34.08 -11.03
C VAL A 205 -0.10 -34.19 -10.41
N TYR A 206 -1.10 -34.48 -11.25
CA TYR A 206 -2.47 -34.64 -10.77
C TYR A 206 -2.60 -35.81 -9.78
N GLU A 207 -1.94 -36.93 -10.11
CA GLU A 207 -2.09 -38.14 -9.30
C GLU A 207 -1.65 -37.92 -7.86
N SER A 208 -0.55 -37.19 -7.65
CA SER A 208 -0.07 -36.95 -6.29
C SER A 208 -0.89 -35.90 -5.56
N LEU A 209 -1.18 -34.78 -6.23
CA LEU A 209 -1.81 -33.66 -5.53
C LEU A 209 -3.30 -33.90 -5.30
N HIS A 210 -3.98 -34.52 -6.26
CA HIS A 210 -5.40 -34.85 -6.06
C HIS A 210 -5.61 -35.80 -4.89
N LYS A 211 -4.61 -36.60 -4.53
CA LYS A 211 -4.71 -37.41 -3.32
C LYS A 211 -4.87 -36.56 -2.07
N ILE A 212 -4.32 -35.38 -2.09
CA ILE A 212 -4.37 -34.56 -0.94
C ILE A 212 -5.52 -33.64 -0.81
N SER A 213 -6.00 -33.12 -1.94
CA SER A 213 -6.98 -32.03 -2.01
C SER A 213 -7.21 -31.72 -3.49
N PRO A 214 -8.41 -31.30 -3.90
CA PRO A 214 -8.62 -30.92 -5.30
C PRO A 214 -8.14 -29.51 -5.62
N ASN A 215 -7.68 -28.75 -4.62
CA ASN A 215 -7.48 -27.29 -4.75
C ASN A 215 -6.13 -26.95 -5.39
N PHE A 216 -5.94 -27.33 -6.65
CA PHE A 216 -4.64 -27.05 -7.25
C PHE A 216 -4.74 -26.90 -8.75
N SER A 217 -3.84 -26.08 -9.30
CA SER A 217 -3.79 -25.75 -10.71
C SER A 217 -2.38 -25.97 -11.21
N ILE A 218 -2.27 -26.20 -12.53
CA ILE A 218 -1.02 -26.62 -13.15
C ILE A 218 -0.66 -25.69 -14.30
N ALA A 219 0.58 -25.21 -14.30
CA ALA A 219 1.15 -24.43 -15.39
C ALA A 219 2.16 -25.32 -16.09
N ALA A 220 1.86 -25.71 -17.32
CA ALA A 220 2.72 -26.61 -18.08
C ALA A 220 3.55 -25.83 -19.11
N ALA A 221 4.54 -26.51 -19.68
CA ALA A 221 5.39 -25.92 -20.72
C ALA A 221 4.82 -26.33 -22.08
N PHE A 222 4.18 -25.38 -22.76
CA PHE A 222 3.52 -25.60 -24.04
C PHE A 222 3.97 -24.55 -25.06
N GLY A 223 5.27 -24.26 -25.07
CA GLY A 223 5.81 -23.27 -25.96
C GLY A 223 5.71 -21.85 -25.47
N ASN A 224 5.11 -21.64 -24.31
CA ASN A 224 5.04 -20.31 -23.71
C ASN A 224 6.39 -19.88 -23.17
N VAL A 225 7.21 -19.21 -23.99
CA VAL A 225 8.54 -18.81 -23.55
C VAL A 225 8.42 -17.77 -22.43
N HIS A 226 9.13 -18.01 -21.33
CA HIS A 226 9.24 -17.05 -20.21
C HIS A 226 10.26 -17.51 -19.18
N VAL A 234 9.55 -22.99 -29.63
CA VAL A 234 9.79 -21.96 -30.64
C VAL A 234 8.44 -21.40 -31.10
N GLN A 235 7.36 -22.03 -30.64
CA GLN A 235 6.02 -21.59 -31.01
C GLN A 235 5.03 -22.02 -29.94
N LEU A 236 3.97 -21.22 -29.78
CA LEU A 236 2.94 -21.53 -28.80
C LEU A 236 2.09 -22.70 -29.26
N ARG A 237 1.91 -23.68 -28.38
CA ARG A 237 1.14 -24.88 -28.69
C ARG A 237 -0.02 -25.07 -27.71
N PRO A 238 -0.95 -24.12 -27.67
CA PRO A 238 -2.04 -24.19 -26.68
C PRO A 238 -2.91 -25.43 -26.80
N GLU A 239 -2.90 -26.10 -27.95
CA GLU A 239 -3.67 -27.32 -28.12
C GLU A 239 -3.10 -28.47 -27.31
N ILE A 240 -1.81 -28.40 -26.91
CA ILE A 240 -1.26 -29.45 -26.05
C ILE A 240 -1.96 -29.46 -24.70
N LEU A 241 -2.39 -28.29 -24.23
CA LEU A 241 -3.21 -28.23 -23.02
C LEU A 241 -4.46 -29.09 -23.15
N GLY A 242 -5.03 -29.16 -24.35
CA GLY A 242 -6.15 -30.06 -24.55
C GLY A 242 -5.75 -31.53 -24.43
N ASP A 243 -4.55 -31.88 -24.91
CA ASP A 243 -4.11 -33.26 -24.83
C ASP A 243 -3.93 -33.67 -23.37
N HIS A 244 -3.43 -32.75 -22.54
CA HIS A 244 -3.42 -33.00 -21.10
C HIS A 244 -4.83 -33.30 -20.61
N GLN A 245 -5.79 -32.46 -20.99
CA GLN A 245 -7.14 -32.65 -20.49
C GLN A 245 -7.73 -33.97 -20.96
N VAL A 246 -7.49 -34.33 -22.23
CA VAL A 246 -8.00 -35.58 -22.77
C VAL A 246 -7.34 -36.77 -22.09
N TYR A 247 -6.02 -36.72 -21.93
CA TYR A 247 -5.30 -37.81 -21.27
C TYR A 247 -5.83 -38.05 -19.87
N ALA A 248 -6.01 -36.97 -19.08
CA ALA A 248 -6.49 -37.13 -17.70
C ALA A 248 -7.95 -37.58 -17.67
N LYS A 249 -8.75 -37.07 -18.60
CA LYS A 249 -10.10 -37.55 -18.83
C LYS A 249 -10.15 -39.06 -18.89
N LYS A 250 -9.37 -39.66 -19.79
CA LYS A 250 -9.42 -41.12 -19.96
C LYS A 250 -8.83 -41.86 -18.75
N GLN A 251 -7.86 -41.27 -18.06
CA GLN A 251 -7.27 -41.99 -16.92
C GLN A 251 -8.22 -42.03 -15.76
N ILE A 252 -8.93 -40.94 -15.49
CA ILE A 252 -9.84 -40.91 -14.35
C ILE A 252 -11.13 -41.66 -14.66
N GLY A 253 -11.44 -41.86 -15.94
CA GLY A 253 -12.72 -42.46 -16.31
C GLY A 253 -13.88 -41.52 -16.07
N THR A 254 -13.70 -40.23 -16.33
CA THR A 254 -14.73 -39.23 -16.10
C THR A 254 -15.22 -38.67 -17.42
N ASP A 255 -16.45 -38.14 -17.42
CA ASP A 255 -16.96 -37.42 -18.57
C ASP A 255 -16.62 -35.94 -18.52
N ALA A 256 -15.96 -35.46 -17.46
CA ALA A 256 -15.65 -34.04 -17.36
C ALA A 256 -14.74 -33.63 -18.50
N LYS A 257 -15.12 -32.54 -19.19
CA LYS A 257 -14.29 -31.98 -20.25
C LYS A 257 -12.94 -31.49 -19.71
N HIS A 258 -12.89 -31.02 -18.45
CA HIS A 258 -11.72 -30.36 -17.88
C HIS A 258 -11.38 -30.97 -16.53
N PRO A 259 -10.79 -32.17 -16.52
CA PRO A 259 -10.37 -32.76 -15.24
C PRO A 259 -9.28 -31.95 -14.53
N LEU A 260 -8.61 -31.04 -15.23
CA LEU A 260 -7.51 -30.24 -14.70
C LEU A 260 -7.91 -28.77 -14.65
N TYR A 261 -7.28 -28.02 -13.73
CA TYR A 261 -7.26 -26.55 -13.76
C TYR A 261 -5.91 -26.13 -14.33
N LEU A 262 -5.92 -25.40 -15.43
CA LEU A 262 -4.69 -25.06 -16.14
C LEU A 262 -4.44 -23.55 -16.08
N VAL A 263 -3.16 -23.17 -16.17
CA VAL A 263 -2.72 -21.79 -16.02
C VAL A 263 -1.82 -21.44 -17.19
N PHE A 264 -1.91 -20.20 -17.67
CA PHE A 264 -1.20 -19.74 -18.86
C PHE A 264 -0.17 -18.70 -18.44
N HIS A 265 1.10 -19.07 -18.47
CA HIS A 265 2.20 -18.16 -18.11
C HIS A 265 2.82 -17.50 -19.33
N GLY A 266 3.03 -16.19 -19.23
CA GLY A 266 3.84 -15.32 -20.05
C GLY A 266 3.69 -15.59 -21.54
N GLY A 267 4.81 -15.47 -22.26
CA GLY A 267 4.81 -15.57 -23.71
C GLY A 267 3.91 -14.54 -24.37
N SER A 268 4.11 -13.27 -24.05
CA SER A 268 3.22 -12.20 -24.52
C SER A 268 3.23 -12.10 -26.04
N GLY A 269 2.21 -11.43 -26.56
CA GLY A 269 2.03 -11.31 -27.99
C GLY A 269 1.16 -12.40 -28.61
N SER A 270 0.60 -13.29 -27.79
CA SER A 270 -0.29 -14.33 -28.28
C SER A 270 -1.64 -13.72 -28.67
N THR A 271 -2.23 -14.25 -29.75
CA THR A 271 -3.44 -13.66 -30.30
C THR A 271 -4.69 -14.25 -29.70
N GLN A 272 -5.83 -13.64 -30.04
CA GLN A 272 -7.09 -14.02 -29.42
C GLN A 272 -7.42 -15.49 -29.67
N GLU A 273 -7.08 -16.01 -30.86
CA GLU A 273 -7.32 -17.43 -31.13
C GLU A 273 -6.49 -18.31 -30.21
N GLU A 274 -5.22 -17.95 -30.00
CA GLU A 274 -4.36 -18.71 -29.09
C GLU A 274 -4.93 -18.70 -27.67
N PHE A 275 -5.27 -17.52 -27.14
CA PHE A 275 -5.96 -17.47 -25.86
C PHE A 275 -7.28 -18.24 -25.91
N ASN A 276 -7.90 -18.33 -27.09
CA ASN A 276 -9.20 -18.98 -27.16
C ASN A 276 -9.07 -20.50 -27.08
N THR A 277 -8.10 -21.08 -27.77
CA THR A 277 -7.95 -22.52 -27.65
C THR A 277 -7.44 -22.91 -26.26
N ALA A 278 -6.63 -22.05 -25.64
CA ALA A 278 -6.15 -22.33 -24.29
C ALA A 278 -7.29 -22.30 -23.27
N ILE A 279 -8.19 -21.33 -23.40
CA ILE A 279 -9.31 -21.23 -22.47
C ILE A 279 -10.28 -22.39 -22.68
N LYS A 280 -10.53 -22.75 -23.95
CA LYS A 280 -11.39 -23.90 -24.21
C LYS A 280 -10.79 -25.15 -23.61
N ASN A 281 -9.46 -25.26 -23.65
CA ASN A 281 -8.76 -26.41 -23.07
C ASN A 281 -8.65 -26.32 -21.54
N GLY A 282 -9.32 -25.38 -20.88
CA GLY A 282 -9.41 -25.37 -19.43
C GLY A 282 -8.48 -24.43 -18.68
N VAL A 283 -7.85 -23.47 -19.37
CA VAL A 283 -7.09 -22.45 -18.67
C VAL A 283 -8.05 -21.51 -17.95
N VAL A 284 -7.79 -21.29 -16.67
CA VAL A 284 -8.60 -20.39 -15.84
C VAL A 284 -7.89 -19.10 -15.49
N LYS A 285 -6.56 -19.03 -15.71
CA LYS A 285 -5.75 -17.93 -15.22
C LYS A 285 -4.65 -17.63 -16.23
N VAL A 286 -4.42 -16.35 -16.48
CA VAL A 286 -3.39 -15.92 -17.42
C VAL A 286 -2.54 -14.86 -16.73
N ASN A 287 -1.23 -15.10 -16.63
CA ASN A 287 -0.26 -14.13 -16.20
C ASN A 287 0.43 -13.57 -17.44
N LEU A 288 0.50 -12.23 -17.52
CA LEU A 288 1.26 -11.52 -18.56
C LEU A 288 1.76 -10.20 -17.93
N ASP A 289 2.96 -10.26 -17.35
CA ASP A 289 3.34 -9.12 -16.51
C ASP A 289 4.07 -8.01 -17.26
N THR A 290 4.79 -8.32 -18.34
CA THR A 290 5.39 -7.26 -19.14
C THR A 290 4.32 -6.31 -19.71
N ASP A 291 3.16 -6.84 -20.11
CA ASP A 291 2.09 -5.97 -20.60
C ASP A 291 1.68 -4.95 -19.54
N CYS A 292 1.46 -5.40 -18.31
CA CYS A 292 1.02 -4.51 -17.28
C CYS A 292 2.07 -3.56 -16.82
N GLN A 293 3.28 -4.04 -16.66
CA GLN A 293 4.38 -3.16 -16.31
C GLN A 293 4.49 -2.01 -17.29
N TYR A 294 4.52 -2.34 -18.59
CA TYR A 294 4.62 -1.29 -19.59
C TYR A 294 3.41 -0.38 -19.56
N ALA A 295 2.21 -0.96 -19.41
CA ALA A 295 0.99 -0.15 -19.41
C ALA A 295 1.04 0.90 -18.32
N TYR A 296 1.40 0.52 -17.09
CA TYR A 296 1.44 1.45 -15.96
C TYR A 296 2.44 2.57 -16.19
N LEU A 297 3.55 2.31 -16.89
CA LEU A 297 4.50 3.39 -17.18
C LEU A 297 3.87 4.47 -18.08
N THR A 298 3.21 4.05 -19.17
CA THR A 298 2.87 4.98 -20.26
C THR A 298 2.14 6.23 -19.76
N GLY A 299 1.13 6.07 -18.91
CA GLY A 299 0.38 7.23 -18.44
C GLY A 299 1.24 8.22 -17.66
N ILE A 300 2.09 7.70 -16.76
CA ILE A 300 3.04 8.55 -16.05
C ILE A 300 4.12 9.06 -17.01
N ARG A 301 4.58 8.19 -17.91
CA ARG A 301 5.60 8.58 -18.87
C ARG A 301 5.11 9.73 -19.75
N ASP A 302 3.87 9.66 -20.22
CA ASP A 302 3.36 10.72 -21.08
C ASP A 302 3.10 12.01 -20.32
N TYR A 303 3.08 11.97 -19.00
CA TYR A 303 3.29 13.17 -18.19
C TYR A 303 4.73 13.69 -18.38
N VAL A 304 5.35 13.35 -19.52
CA VAL A 304 6.57 13.99 -20.09
C VAL A 304 6.22 15.20 -20.95
N THR A 305 4.95 15.35 -21.32
CA THR A 305 4.54 16.55 -22.01
C THR A 305 4.47 17.75 -21.08
N ASN A 306 4.27 17.52 -19.77
CA ASN A 306 4.19 18.58 -18.78
C ASN A 306 5.53 18.91 -18.15
N LYS A 307 6.60 18.60 -18.83
CA LYS A 307 7.89 18.81 -18.28
C LYS A 307 8.25 20.22 -18.01
N ILE A 308 7.69 21.14 -18.76
CA ILE A 308 7.92 22.57 -18.54
C ILE A 308 7.29 23.02 -17.22
N GLU A 309 6.21 22.38 -16.78
CA GLU A 309 5.59 22.68 -15.52
C GLU A 309 6.03 21.74 -14.43
N TYR A 310 7.16 21.09 -14.60
CA TYR A 310 7.59 20.17 -13.58
C TYR A 310 8.87 20.43 -12.87
N LEU A 311 9.00 21.65 -12.34
CA LEU A 311 10.06 22.16 -11.41
C LEU A 311 9.33 22.93 -10.27
N LYS A 312 9.94 23.22 -9.14
CA LYS A 312 9.15 23.79 -8.02
C LYS A 312 8.25 24.99 -8.19
N ALA A 313 8.72 26.08 -8.78
CA ALA A 313 7.88 27.28 -8.97
C ALA A 313 7.60 27.74 -10.40
N PRO A 314 8.65 27.75 -11.20
CA PRO A 314 9.02 28.04 -12.59
C PRO A 314 8.32 27.13 -13.58
N VAL A 315 7.46 27.78 -14.32
CA VAL A 315 6.52 27.14 -15.22
C VAL A 315 6.36 28.03 -16.44
N GLY A 316 6.29 27.44 -17.64
CA GLY A 316 6.10 28.20 -18.86
C GLY A 316 4.79 28.95 -18.88
N ASN A 317 3.70 28.23 -18.61
CA ASN A 317 2.44 28.86 -18.28
C ASN A 317 2.67 29.98 -17.27
N PRO A 318 2.16 31.12 -17.48
CA PRO A 318 2.34 32.31 -16.66
C PRO A 318 3.65 32.52 -15.88
N GLU A 319 3.54 32.78 -14.60
CA GLU A 319 4.63 33.06 -13.68
C GLU A 319 6.04 32.59 -13.90
N GLY A 320 6.94 33.54 -13.82
CA GLY A 320 8.36 33.38 -13.99
C GLY A 320 9.02 32.10 -13.61
N ASP A 322 7.23 32.06 -10.92
CA ASP A 322 6.31 32.60 -9.96
C ASP A 322 5.01 31.83 -9.80
N LYS A 323 4.78 30.82 -10.62
CA LYS A 323 3.57 30.05 -10.43
C LYS A 323 3.83 28.93 -9.47
N PRO A 324 2.82 28.48 -8.76
CA PRO A 324 3.05 27.34 -7.89
C PRO A 324 2.81 26.04 -8.63
N ASN A 325 3.81 25.28 -8.98
CA ASN A 325 3.58 24.04 -9.67
C ASN A 325 3.13 22.92 -8.78
N LYS A 326 2.31 23.21 -7.80
CA LYS A 326 1.92 22.18 -6.85
C LYS A 326 0.82 21.30 -7.42
N LYS A 327 -0.13 21.89 -8.17
CA LYS A 327 -1.15 21.11 -8.83
C LYS A 327 -0.60 20.21 -9.93
N TYR A 328 0.69 20.32 -10.28
CA TYR A 328 1.29 19.46 -11.31
C TYR A 328 2.19 18.36 -10.76
N PHE A 329 2.92 18.63 -9.69
CA PHE A 329 3.82 17.65 -9.11
C PHE A 329 3.24 16.82 -8.01
N ASP A 330 2.03 17.09 -7.62
CA ASP A 330 1.37 16.27 -6.62
C ASP A 330 1.30 14.83 -7.13
N PRO A 331 1.94 13.85 -6.47
CA PRO A 331 1.87 12.46 -6.94
C PRO A 331 0.46 11.95 -7.14
N ARG A 332 -0.50 12.46 -6.39
CA ARG A 332 -1.89 12.05 -6.61
C ARG A 332 -2.37 12.38 -8.02
N VAL A 333 -1.76 13.39 -8.65
CA VAL A 333 -2.11 13.77 -10.01
C VAL A 333 -1.49 12.82 -11.02
N TRP A 334 -0.18 12.71 -10.97
CA TRP A 334 0.54 11.94 -11.94
C TRP A 334 0.55 10.46 -11.76
N VAL A 335 0.63 9.97 -10.56
CA VAL A 335 0.55 8.53 -10.34
C VAL A 335 -0.79 8.00 -10.85
N ARG A 336 -1.87 8.75 -10.62
CA ARG A 336 -3.18 8.36 -11.14
C ARG A 336 -3.19 8.18 -12.65
N GLU A 337 -2.25 8.80 -13.39
CA GLU A 337 -2.19 8.60 -14.83
C GLU A 337 -1.69 7.18 -15.17
N GLY A 338 -0.69 6.68 -14.44
CA GLY A 338 -0.29 5.30 -14.59
C GLY A 338 -1.38 4.32 -14.17
N GLU A 339 -2.05 4.60 -13.06
CA GLU A 339 -3.18 3.78 -12.66
C GLU A 339 -4.22 3.71 -13.77
N LYS A 340 -4.56 4.86 -14.34
CA LYS A 340 -5.56 4.93 -15.39
C LYS A 340 -5.14 4.08 -16.59
N THR A 341 -3.87 4.18 -16.98
CA THR A 341 -3.40 3.49 -18.17
C THR A 341 -3.16 2.01 -17.94
N MET A 342 -2.84 1.63 -16.69
CA MET A 342 -2.80 0.21 -16.32
C MET A 342 -4.21 -0.36 -16.32
N SER A 343 -5.17 0.36 -15.74
CA SER A 343 -6.54 -0.15 -15.64
C SER A 343 -7.17 -0.38 -16.99
N LYS A 344 -6.94 0.52 -17.94
CA LYS A 344 -7.42 0.33 -19.30
C LYS A 344 -6.85 -0.95 -19.91
N ARG A 345 -5.53 -1.12 -19.78
CA ARG A 345 -4.88 -2.34 -20.25
C ARG A 345 -5.54 -3.59 -19.66
N ILE A 346 -5.79 -3.59 -18.36
CA ILE A 346 -6.44 -4.74 -17.72
C ILE A 346 -7.87 -4.90 -18.23
N ALA A 347 -8.54 -3.79 -18.55
CA ALA A 347 -9.86 -3.89 -19.14
C ALA A 347 -9.83 -4.62 -20.48
N GLU A 348 -8.78 -4.41 -21.27
CA GLU A 348 -8.66 -5.15 -22.52
C GLU A 348 -8.54 -6.64 -22.25
N ALA A 349 -7.57 -7.02 -21.42
CA ALA A 349 -7.41 -8.42 -21.05
C ALA A 349 -8.73 -9.00 -20.56
N LEU A 350 -9.49 -8.24 -19.77
CA LEU A 350 -10.74 -8.76 -19.22
C LEU A 350 -11.73 -9.10 -20.32
N ASP A 351 -11.74 -8.34 -21.42
CA ASP A 351 -12.64 -8.69 -22.51
C ASP A 351 -12.07 -9.84 -23.32
N ILE A 352 -10.79 -9.76 -23.67
CA ILE A 352 -10.13 -10.82 -24.43
C ILE A 352 -10.31 -12.18 -23.75
N PHE A 353 -10.24 -12.23 -22.43
CA PHE A 353 -10.40 -13.49 -21.72
C PHE A 353 -11.84 -13.76 -21.36
N HIS A 354 -12.78 -12.99 -21.90
CA HIS A 354 -14.22 -13.20 -21.72
C HIS A 354 -14.63 -13.13 -20.25
N THR A 355 -13.81 -12.51 -19.40
CA THR A 355 -14.15 -12.40 -17.99
C THR A 355 -14.95 -11.14 -17.69
N LYS A 356 -15.03 -10.21 -18.63
CA LYS A 356 -15.86 -9.02 -18.42
C LYS A 356 -17.34 -9.40 -18.31
N GLY A 357 -18.03 -8.80 -17.34
CA GLY A 357 -19.45 -9.01 -17.15
C GLY A 357 -19.83 -10.28 -16.42
N GLN A 358 -18.88 -11.13 -16.13
CA GLN A 358 -19.18 -12.44 -15.60
C GLN A 358 -19.81 -12.41 -14.18
N LEU A 359 -20.14 -11.29 -13.54
CA LEU A 359 -20.73 -11.32 -12.21
C LEU A 359 -22.20 -10.88 -12.24
N PRO B 3 15.65 8.25 29.05
CA PRO B 3 15.77 7.13 28.11
C PRO B 3 14.50 6.25 28.05
N PRO B 4 13.40 6.82 27.56
CA PRO B 4 12.12 6.08 27.58
C PRO B 4 12.15 4.84 26.68
N ALA B 5 11.28 3.88 27.02
CA ALA B 5 11.24 2.61 26.32
C ALA B 5 10.94 2.81 24.83
N VAL B 6 10.05 3.76 24.51
CA VAL B 6 9.56 3.95 23.16
C VAL B 6 10.69 4.22 22.17
N LEU B 7 11.81 4.76 22.65
CA LEU B 7 12.96 5.01 21.79
C LEU B 7 13.57 3.76 21.21
N SER B 8 13.20 2.58 21.73
CA SER B 8 13.81 1.32 21.31
C SER B 8 12.83 0.38 20.62
N LYS B 9 11.59 0.82 20.39
CA LYS B 9 10.54 -0.01 19.82
C LYS B 9 10.53 0.08 18.29
N SER B 10 9.94 -0.94 17.66
CA SER B 10 9.81 -1.07 16.21
C SER B 10 8.34 -1.19 15.87
N GLY B 11 7.84 -0.34 14.97
CA GLY B 11 6.46 -0.41 14.53
C GLY B 11 5.65 0.75 15.06
N VAL B 12 4.38 0.74 14.68
CA VAL B 12 3.44 1.76 15.11
C VAL B 12 3.27 1.70 16.62
N ILE B 13 3.34 2.85 17.27
CA ILE B 13 3.28 2.92 18.73
C ILE B 13 1.94 3.52 19.14
N TYR B 14 1.59 3.33 20.41
CA TYR B 14 0.26 3.69 20.87
C TYR B 14 0.29 4.19 22.31
N GLY B 15 -0.80 4.83 22.70
CA GLY B 15 -1.06 5.11 24.10
C GLY B 15 0.00 5.99 24.71
N LYS B 16 0.60 5.47 25.78
CA LYS B 16 1.58 6.24 26.54
C LYS B 16 2.90 6.39 25.81
N ASP B 17 3.30 5.37 25.01
CA ASP B 17 4.51 5.50 24.18
C ASP B 17 4.48 6.77 23.33
N VAL B 18 3.30 7.20 22.89
CA VAL B 18 3.18 8.45 22.14
C VAL B 18 3.54 9.63 23.05
N LYS B 19 2.91 9.70 24.22
CA LYS B 19 3.23 10.76 25.17
C LYS B 19 4.72 10.75 25.54
N ASP B 20 5.27 9.56 25.82
CA ASP B 20 6.69 9.46 26.13
C ASP B 20 7.54 10.04 25.03
N LEU B 21 7.29 9.60 23.79
CA LEU B 21 8.01 10.14 22.65
C LEU B 21 7.98 11.66 22.63
N PHE B 22 6.78 12.25 22.81
CA PHE B 22 6.66 13.70 22.72
C PHE B 22 7.33 14.38 23.91
N ASP B 23 7.20 13.83 25.12
CA ASP B 23 7.92 14.38 26.26
C ASP B 23 9.42 14.37 26.02
N TYR B 24 9.92 13.29 25.42
CA TYR B 24 11.34 13.22 25.11
C TYR B 24 11.72 14.20 23.98
N ALA B 25 10.84 14.40 22.99
CA ALA B 25 11.08 15.46 22.01
C ALA B 25 11.20 16.82 22.70
N GLN B 26 10.28 17.09 23.62
CA GLN B 26 10.25 18.40 24.25
C GLN B 26 11.49 18.62 25.10
N GLU B 27 12.04 17.55 25.67
CA GLU B 27 13.11 17.75 26.63
C GLU B 27 14.47 17.84 25.96
N LYS B 28 14.72 17.02 24.92
CA LYS B 28 15.98 17.10 24.20
C LYS B 28 15.97 18.11 23.06
N GLY B 29 14.89 18.90 22.93
CA GLY B 29 14.83 19.99 21.97
C GLY B 29 14.83 19.58 20.50
N PHE B 30 13.96 18.65 20.12
CA PHE B 30 13.75 18.32 18.72
C PHE B 30 12.25 18.22 18.43
N ALA B 31 11.93 18.24 17.15
CA ALA B 31 10.59 18.00 16.65
C ALA B 31 10.70 16.86 15.65
N ILE B 32 9.56 16.30 15.27
CA ILE B 32 9.48 15.12 14.42
C ILE B 32 8.68 15.46 13.16
N PRO B 33 9.24 15.27 11.96
CA PRO B 33 8.46 15.54 10.74
C PRO B 33 7.28 14.60 10.60
N ALA B 34 6.14 15.18 10.21
CA ALA B 34 4.93 14.42 9.91
C ALA B 34 4.77 14.35 8.39
N ILE B 35 4.93 13.19 7.84
CA ILE B 35 4.89 13.03 6.44
C ILE B 35 3.63 12.48 5.91
N ASN B 36 3.05 13.18 4.96
CA ASN B 36 1.84 12.71 4.31
C ASN B 36 2.17 11.54 3.39
N VAL B 37 1.44 10.45 3.55
CA VAL B 37 1.62 9.28 2.71
C VAL B 37 0.36 9.11 1.89
N THR B 38 0.53 8.59 0.68
CA THR B 38 -0.59 8.36 -0.23
C THR B 38 -0.49 7.00 -0.89
N SER B 39 0.48 6.18 -0.50
CA SER B 39 0.82 4.94 -1.19
C SER B 39 1.80 4.15 -0.33
N SER B 40 1.93 2.86 -0.64
CA SER B 40 2.95 2.05 0.00
C SER B 40 4.34 2.60 -0.31
N SER B 41 4.59 2.90 -1.59
CA SER B 41 5.82 3.54 -2.04
C SER B 41 6.19 4.75 -1.19
N THR B 42 5.22 5.61 -0.87
CA THR B 42 5.60 6.80 -0.13
C THR B 42 5.78 6.50 1.35
N VAL B 43 5.03 5.51 1.89
CA VAL B 43 5.30 4.96 3.22
C VAL B 43 6.72 4.42 3.30
N VAL B 44 7.11 3.60 2.33
CA VAL B 44 8.45 3.03 2.28
C VAL B 44 9.51 4.13 2.32
N ALA B 45 9.32 5.19 1.52
CA ALA B 45 10.30 6.27 1.47
C ALA B 45 10.47 6.93 2.84
N ALA B 46 9.37 7.19 3.53
CA ALA B 46 9.45 7.84 4.82
C ALA B 46 10.07 6.93 5.88
N LEU B 47 9.64 5.66 5.92
CA LEU B 47 10.17 4.71 6.90
C LEU B 47 11.65 4.47 6.68
N GLU B 48 12.09 4.37 5.42
CA GLU B 48 13.49 4.14 5.13
C GLU B 48 14.35 5.33 5.57
N ALA B 49 13.90 6.55 5.30
CA ALA B 49 14.65 7.72 5.73
C ALA B 49 14.73 7.79 7.25
N ALA B 50 13.68 7.35 7.94
CA ALA B 50 13.71 7.44 9.40
C ALA B 50 14.59 6.36 10.00
N ARG B 51 14.55 5.13 9.45
CA ARG B 51 15.47 4.09 9.91
C ARG B 51 16.91 4.44 9.56
N ASP B 52 17.14 4.99 8.38
CA ASP B 52 18.51 5.29 7.97
C ASP B 52 19.14 6.37 8.83
N ASN B 53 18.34 7.31 9.33
CA ASN B 53 18.83 8.41 10.14
C ASN B 53 18.51 8.22 11.63
N LYS B 54 18.20 6.99 12.03
CA LYS B 54 17.93 6.58 13.42
C LYS B 54 17.02 7.58 14.13
N ALA B 55 15.82 7.74 13.56
CA ALA B 55 14.88 8.72 14.06
C ALA B 55 13.47 8.12 14.17
N PRO B 56 12.70 8.55 15.17
CA PRO B 56 11.26 8.33 15.14
C PRO B 56 10.64 9.13 14.03
N ILE B 57 9.42 8.74 13.65
CA ILE B 57 8.75 9.45 12.57
C ILE B 57 7.23 9.31 12.73
N ILE B 58 6.53 10.32 12.23
CA ILE B 58 5.08 10.35 12.12
C ILE B 58 4.69 10.15 10.67
N LEU B 59 3.77 9.21 10.41
CA LEU B 59 3.13 9.08 9.12
C LEU B 59 1.66 9.46 9.25
N GLN B 60 1.14 10.18 8.26
CA GLN B 60 -0.22 10.67 8.33
C GLN B 60 -0.85 10.63 6.95
N THR B 61 -2.16 10.39 6.94
CA THR B 61 -2.96 10.46 5.73
C THR B 61 -3.90 11.67 5.86
N SER B 62 -3.80 12.61 4.94
CA SER B 62 -4.84 13.62 4.80
C SER B 62 -6.12 12.97 4.30
N GLN B 63 -7.23 13.71 4.40
CA GLN B 63 -8.49 13.23 3.84
C GLN B 63 -8.29 12.80 2.40
N GLY B 64 -7.55 13.60 1.62
CA GLY B 64 -7.33 13.26 0.23
C GLY B 64 -6.32 12.14 0.05
N GLY B 65 -5.30 12.09 0.91
CA GLY B 65 -4.37 10.98 0.86
C GLY B 65 -5.03 9.66 1.20
N ALA B 66 -5.90 9.66 2.21
CA ALA B 66 -6.61 8.43 2.58
C ALA B 66 -7.51 7.97 1.44
N ALA B 67 -8.27 8.90 0.86
CA ALA B 67 -9.08 8.57 -0.31
C ALA B 67 -8.21 8.08 -1.46
N TYR B 68 -6.94 8.49 -1.51
CA TYR B 68 -6.08 7.98 -2.58
C TYR B 68 -5.71 6.52 -2.35
N PHE B 69 -5.44 6.14 -1.09
CA PHE B 69 -5.12 4.76 -0.76
C PHE B 69 -6.26 3.82 -1.11
N ALA B 70 -7.50 4.33 -1.07
CA ALA B 70 -8.63 3.54 -1.53
C ALA B 70 -8.72 3.51 -3.05
N GLY B 71 -8.25 4.56 -3.71
CA GLY B 71 -8.35 4.67 -5.15
C GLY B 71 -9.23 5.84 -5.52
N LYS B 72 -8.80 6.67 -6.47
CA LYS B 72 -9.66 7.78 -6.90
C LYS B 72 -10.94 7.29 -7.54
N GLY B 73 -10.93 6.08 -8.08
CA GLY B 73 -12.13 5.49 -8.62
C GLY B 73 -13.20 5.18 -7.61
N VAL B 74 -12.94 5.38 -6.33
CA VAL B 74 -13.88 5.02 -5.28
C VAL B 74 -14.63 6.28 -4.85
N ASP B 75 -15.95 6.25 -4.98
CA ASP B 75 -16.78 7.41 -4.72
C ASP B 75 -16.67 7.83 -3.25
N ASN B 76 -16.53 9.13 -3.02
CA ASN B 76 -16.17 9.64 -1.70
C ASN B 76 -17.21 10.63 -1.17
N LYS B 77 -18.42 10.65 -1.74
CA LYS B 77 -19.43 11.63 -1.35
C LYS B 77 -19.75 11.56 0.14
N ASP B 78 -19.75 10.36 0.73
CA ASP B 78 -20.04 10.20 2.16
C ASP B 78 -18.78 9.87 2.96
N GLN B 79 -17.62 10.33 2.48
CA GLN B 79 -16.32 10.07 3.07
C GLN B 79 -15.93 8.59 3.00
N ALA B 80 -16.56 7.83 2.08
CA ALA B 80 -16.38 6.39 2.05
C ALA B 80 -14.96 6.00 1.63
N ALA B 81 -14.44 6.61 0.56
CA ALA B 81 -13.07 6.33 0.15
C ALA B 81 -12.07 6.73 1.23
N SER B 82 -12.27 7.88 1.88
CA SER B 82 -11.34 8.31 2.92
C SER B 82 -11.30 7.34 4.07
N ILE B 83 -12.42 6.67 4.37
CA ILE B 83 -12.50 5.77 5.50
C ILE B 83 -11.81 4.44 5.18
N ALA B 84 -12.21 3.80 4.09
CA ALA B 84 -11.61 2.52 3.75
C ALA B 84 -10.13 2.69 3.48
N GLY B 85 -9.74 3.78 2.82
CA GLY B 85 -8.36 3.96 2.43
C GLY B 85 -7.43 4.18 3.62
N SER B 86 -7.85 5.00 4.60
CA SER B 86 -7.03 5.22 5.78
C SER B 86 -6.94 3.95 6.62
N ILE B 87 -8.04 3.18 6.69
CA ILE B 87 -8.02 1.90 7.40
C ILE B 87 -7.03 0.95 6.74
N ALA B 88 -7.05 0.88 5.41
CA ALA B 88 -6.17 0.01 4.66
C ALA B 88 -4.72 0.48 4.71
N ALA B 89 -4.52 1.80 4.74
CA ALA B 89 -3.17 2.32 4.98
C ALA B 89 -2.69 1.92 6.36
N ALA B 90 -3.58 1.97 7.35
CA ALA B 90 -3.21 1.65 8.72
C ALA B 90 -2.75 0.21 8.85
N HIS B 91 -3.53 -0.73 8.29
CA HIS B 91 -3.07 -2.11 8.33
C HIS B 91 -1.74 -2.27 7.61
N TYR B 92 -1.60 -1.63 6.43
CA TYR B 92 -0.35 -1.79 5.68
C TYR B 92 0.82 -1.22 6.47
N ILE B 93 0.67 0.00 6.95
CA ILE B 93 1.73 0.64 7.72
C ILE B 93 2.06 -0.18 8.97
N ARG B 94 1.03 -0.57 9.75
CA ARG B 94 1.24 -1.43 10.93
C ARG B 94 1.98 -2.70 10.56
N ALA B 95 1.70 -3.27 9.38
CA ALA B 95 2.27 -4.54 8.98
C ALA B 95 3.75 -4.45 8.61
N ILE B 96 4.20 -3.32 8.04
CA ILE B 96 5.54 -3.18 7.47
C ILE B 96 6.44 -2.38 8.39
N ALA B 97 5.87 -1.44 9.15
CA ALA B 97 6.67 -0.61 10.04
C ALA B 97 7.62 -1.39 10.94
N PRO B 98 7.25 -2.52 11.56
CA PRO B 98 8.22 -3.24 12.42
C PRO B 98 9.52 -3.59 11.73
N THR B 99 9.48 -3.83 10.41
CA THR B 99 10.67 -4.21 9.65
C THR B 99 11.71 -3.11 9.63
N TYR B 100 11.29 -1.84 9.79
CA TYR B 100 12.25 -0.75 9.72
C TYR B 100 12.81 -0.39 11.08
N GLY B 101 12.27 -0.98 12.16
CA GLY B 101 12.88 -0.89 13.47
C GLY B 101 12.81 0.43 14.20
N ILE B 102 11.81 1.26 13.92
CA ILE B 102 11.72 2.57 14.55
C ILE B 102 10.29 2.77 15.06
N PRO B 103 10.08 3.52 16.13
CA PRO B 103 8.71 3.83 16.56
C PRO B 103 8.02 4.73 15.54
N VAL B 104 6.80 4.37 15.17
CA VAL B 104 6.06 5.14 14.17
C VAL B 104 4.76 5.64 14.78
N VAL B 105 4.55 6.96 14.73
CA VAL B 105 3.25 7.52 15.09
C VAL B 105 2.38 7.48 13.82
N LEU B 106 1.23 6.81 13.89
CA LEU B 106 0.30 6.72 12.77
C LEU B 106 -0.84 7.69 13.01
N HIS B 107 -0.90 8.74 12.20
CA HIS B 107 -1.71 9.91 12.51
C HIS B 107 -2.60 10.22 11.31
N THR B 108 -3.61 11.06 11.53
CA THR B 108 -4.45 11.55 10.45
C THR B 108 -4.49 13.07 10.50
N ASP B 109 -4.66 13.67 9.33
CA ASP B 109 -4.46 15.09 9.11
C ASP B 109 -5.80 15.82 9.19
N HIS B 110 -5.78 17.16 9.08
CA HIS B 110 -6.85 18.15 9.08
C HIS B 110 -8.23 17.59 8.79
N CYS B 111 -9.09 17.56 9.76
CA CYS B 111 -10.42 17.09 9.53
C CYS B 111 -11.41 18.12 10.02
N ALA B 112 -12.00 18.84 9.11
CA ALA B 112 -12.93 19.89 9.47
C ALA B 112 -14.33 19.40 9.71
N LYS B 113 -15.20 20.31 10.05
CA LYS B 113 -16.56 19.99 10.33
C LYS B 113 -17.26 19.23 9.27
N LYS B 114 -17.14 19.65 8.04
CA LYS B 114 -17.82 18.96 6.95
C LYS B 114 -17.31 17.52 6.78
N LEU B 115 -16.08 17.23 7.20
CA LEU B 115 -15.44 15.94 6.96
C LEU B 115 -15.55 14.99 8.14
N LEU B 116 -16.33 15.33 9.16
CA LEU B 116 -16.39 14.49 10.34
C LEU B 116 -16.88 13.06 10.11
N PRO B 117 -17.68 12.78 9.06
CA PRO B 117 -18.00 11.38 8.75
C PRO B 117 -16.76 10.52 8.57
N TRP B 118 -15.74 11.06 7.89
CA TRP B 118 -14.46 10.36 7.79
C TRP B 118 -13.89 10.09 9.18
N PHE B 119 -13.95 11.10 10.05
CA PHE B 119 -13.48 10.95 11.42
C PHE B 119 -14.31 9.93 12.18
N ASP B 120 -15.64 9.98 12.02
CA ASP B 120 -16.52 8.97 12.60
C ASP B 120 -16.12 7.57 12.16
N GLY B 121 -15.98 7.38 10.84
CA GLY B 121 -15.66 6.07 10.32
C GLY B 121 -14.30 5.56 10.78
N MET B 122 -13.36 6.47 11.02
CA MET B 122 -12.06 6.03 11.51
C MET B 122 -12.14 5.62 12.98
N LEU B 123 -12.83 6.44 13.78
CA LEU B 123 -12.96 6.14 15.20
C LEU B 123 -13.77 4.86 15.42
N LYS B 124 -14.81 4.66 14.59
CA LYS B 124 -15.55 3.40 14.62
C LYS B 124 -14.61 2.20 14.42
N ALA B 125 -13.71 2.27 13.43
CA ALA B 125 -12.78 1.18 13.18
C ALA B 125 -11.70 1.07 14.27
N ASP B 126 -11.26 2.19 14.85
CA ASP B 126 -10.31 2.10 15.97
C ASP B 126 -10.93 1.34 17.14
N GLU B 127 -12.22 1.56 17.38
CA GLU B 127 -12.86 0.97 18.54
C GLU B 127 -13.04 -0.55 18.37
N GLU B 128 -13.53 -0.97 17.21
CA GLU B 128 -13.59 -2.41 16.92
C GLU B 128 -12.23 -3.05 17.07
N PHE B 129 -11.22 -2.46 16.43
CA PHE B 129 -9.87 -3.01 16.50
C PHE B 129 -9.36 -3.01 17.93
N PHE B 130 -9.67 -1.98 18.70
CA PHE B 130 -9.23 -1.92 20.08
C PHE B 130 -9.74 -3.13 20.86
N ALA B 131 -11.04 -3.38 20.80
CA ALA B 131 -11.63 -4.48 21.58
C ALA B 131 -11.10 -5.84 21.13
N LYS B 132 -10.73 -5.96 19.86
CA LYS B 132 -10.09 -7.18 19.33
C LYS B 132 -8.65 -7.35 19.84
N THR B 133 -7.91 -6.25 20.07
CA THR B 133 -6.46 -6.30 20.24
C THR B 133 -5.92 -5.52 21.43
N GLY B 134 -6.68 -4.58 22.00
CA GLY B 134 -6.17 -3.70 23.05
C GLY B 134 -5.54 -2.43 22.53
N THR B 135 -5.55 -2.22 21.22
CA THR B 135 -4.94 -1.03 20.68
C THR B 135 -5.77 -0.55 19.51
N PRO B 136 -5.87 0.74 19.32
CA PRO B 136 -6.58 1.25 18.15
C PRO B 136 -5.79 0.98 16.88
N LEU B 137 -6.37 1.29 15.72
CA LEU B 137 -5.59 1.26 14.49
C LEU B 137 -4.61 2.43 14.46
N PHE B 138 -5.13 3.65 14.56
CA PHE B 138 -4.33 4.86 14.45
C PHE B 138 -3.76 5.27 15.80
N SER B 139 -2.51 5.75 15.79
CA SER B 139 -1.92 6.28 17.00
C SER B 139 -2.62 7.56 17.45
N SER B 140 -3.01 8.40 16.50
CA SER B 140 -3.57 9.69 16.83
C SER B 140 -4.44 10.19 15.69
N HIS B 141 -5.32 11.15 16.00
CA HIS B 141 -6.15 11.79 14.99
C HIS B 141 -6.17 13.29 15.19
N MET B 142 -6.31 14.02 14.11
CA MET B 142 -6.37 15.44 14.16
C MET B 142 -7.74 15.92 13.87
N LEU B 143 -8.17 16.92 14.60
CA LEU B 143 -9.41 17.57 14.36
C LEU B 143 -9.07 18.98 14.04
N ASP B 144 -9.67 19.55 13.00
CA ASP B 144 -9.47 20.94 12.71
C ASP B 144 -10.75 21.72 12.63
N LEU B 145 -11.28 22.12 13.75
CA LEU B 145 -12.51 22.87 13.68
C LEU B 145 -12.27 24.34 13.94
N SER B 146 -11.12 24.83 13.55
CA SER B 146 -10.81 26.20 13.80
C SER B 146 -11.73 27.23 13.20
N GLU B 147 -12.36 26.96 12.06
CA GLU B 147 -13.26 27.90 11.45
C GLU B 147 -14.59 27.96 12.16
N GLU B 148 -14.84 27.05 13.05
CA GLU B 148 -16.05 27.13 13.85
C GLU B 148 -15.76 27.99 15.08
N THR B 149 -16.83 28.50 15.67
CA THR B 149 -16.69 29.29 16.89
C THR B 149 -15.87 28.52 17.92
N ASP B 150 -15.11 29.25 18.73
CA ASP B 150 -14.08 28.61 19.55
C ASP B 150 -14.69 27.70 20.62
N ASP B 151 -15.81 28.11 21.21
CA ASP B 151 -16.44 27.25 22.21
C ASP B 151 -17.09 26.02 21.57
N GLU B 152 -17.49 26.14 20.30
CA GLU B 152 -18.02 24.99 19.57
C GLU B 152 -16.90 24.00 19.23
N ASN B 153 -15.71 24.53 18.92
CA ASN B 153 -14.53 23.71 18.64
C ASN B 153 -14.13 22.91 19.87
N ILE B 154 -13.91 23.59 20.99
CA ILE B 154 -13.55 22.90 22.24
C ILE B 154 -14.61 21.88 22.64
N ALA B 155 -15.87 22.09 22.22
CA ALA B 155 -16.96 21.22 22.68
C ALA B 155 -17.07 19.95 21.86
N THR B 156 -17.03 20.05 20.53
CA THR B 156 -16.95 18.86 19.69
C THR B 156 -15.66 18.10 19.96
N SER B 157 -14.53 18.81 20.11
CA SER B 157 -13.26 18.15 20.41
C SER B 157 -13.25 17.46 21.76
N ALA B 158 -13.98 18.01 22.75
CA ALA B 158 -14.06 17.33 24.04
C ALA B 158 -14.82 16.01 23.93
N LYS B 159 -15.92 16.00 23.16
CA LYS B 159 -16.72 14.79 23.08
C LYS B 159 -15.96 13.69 22.35
N TYR B 160 -15.37 14.02 21.19
CA TYR B 160 -14.55 13.04 20.47
C TYR B 160 -13.36 12.58 21.33
N PHE B 161 -12.73 13.51 22.06
CA PHE B 161 -11.57 13.14 22.87
C PHE B 161 -11.94 12.22 24.02
N GLU B 162 -13.21 12.23 24.43
CA GLU B 162 -13.64 11.36 25.50
C GLU B 162 -13.79 9.91 25.02
N ARG B 163 -14.17 9.72 23.74
CA ARG B 163 -14.16 8.39 23.13
C ARG B 163 -12.73 7.88 22.90
N MET B 164 -11.83 8.76 22.43
CA MET B 164 -10.46 8.34 22.13
C MET B 164 -9.69 7.99 23.39
N ALA B 165 -10.06 8.60 24.52
CA ALA B 165 -9.30 8.41 25.74
C ALA B 165 -9.56 7.05 26.37
N LYS B 166 -10.65 6.36 26.00
CA LYS B 166 -10.83 4.97 26.41
C LYS B 166 -9.75 4.09 25.80
N MET B 167 -9.31 4.41 24.58
CA MET B 167 -8.29 3.66 23.89
C MET B 167 -6.89 4.21 24.13
N GLY B 168 -6.77 5.30 24.90
CA GLY B 168 -5.48 5.95 25.07
C GLY B 168 -4.99 6.65 23.83
N GLN B 169 -5.89 7.00 22.92
CA GLN B 169 -5.53 7.57 21.64
C GLN B 169 -5.23 9.08 21.75
N TRP B 170 -4.30 9.54 20.93
CA TRP B 170 -3.85 10.93 20.97
C TRP B 170 -4.71 11.80 20.06
N LEU B 171 -5.12 12.95 20.57
CA LEU B 171 -5.85 13.92 19.76
C LEU B 171 -5.02 15.17 19.53
N GLU B 172 -4.88 15.57 18.27
CA GLU B 172 -4.31 16.87 17.95
C GLU B 172 -5.46 17.75 17.47
N MET B 173 -5.64 18.90 18.10
CA MET B 173 -6.72 19.82 17.74
C MET B 173 -6.16 21.18 17.33
N GLU B 174 -6.69 21.76 16.28
CA GLU B 174 -6.27 23.04 15.76
C GLU B 174 -7.27 24.10 16.02
N ILE B 175 -6.82 25.25 16.50
CA ILE B 175 -7.67 26.39 16.78
C ILE B 175 -7.10 27.62 16.10
N GLY B 176 -7.99 28.51 15.67
CA GLY B 176 -7.60 29.63 14.84
C GLY B 176 -7.87 30.95 15.51
N ILE B 177 -8.32 31.93 14.75
CA ILE B 177 -8.53 33.29 15.24
C ILE B 177 -10.01 33.61 15.37
N THR B 178 -10.88 32.61 15.17
CA THR B 178 -12.31 32.81 15.31
C THR B 178 -12.65 33.22 16.75
N GLY B 179 -13.83 33.80 16.92
CA GLY B 179 -14.28 34.12 18.26
C GLY B 179 -15.29 33.11 18.79
N GLY B 180 -16.39 33.59 19.36
CA GLY B 180 -17.49 32.76 19.85
C GLY B 180 -17.57 32.81 21.37
N GLU B 181 -18.79 32.84 21.88
CA GLU B 181 -19.02 33.02 23.32
C GLU B 181 -20.31 32.36 23.82
N LEU B 195 -3.65 38.95 13.43
CA LEU B 195 -4.45 38.25 14.43
C LEU B 195 -3.94 36.82 14.66
N TYR B 196 -3.64 36.54 15.92
CA TYR B 196 -3.10 35.26 16.35
C TYR B 196 -4.00 34.66 17.43
N THR B 197 -3.99 33.32 17.51
CA THR B 197 -4.64 32.66 18.65
C THR B 197 -4.06 33.23 19.93
N SER B 198 -4.93 33.62 20.84
CA SER B 198 -4.49 34.19 22.11
C SER B 198 -4.09 33.07 23.08
N PRO B 199 -3.10 33.33 23.95
CA PRO B 199 -2.76 32.31 24.97
C PRO B 199 -3.93 31.95 25.84
N GLU B 200 -4.78 32.94 26.15
CA GLU B 200 -6.06 32.69 26.80
C GLU B 200 -6.87 31.65 26.06
N THR B 201 -6.99 31.80 24.74
CA THR B 201 -7.79 30.87 23.96
C THR B 201 -7.14 29.49 23.94
N VAL B 202 -5.82 29.44 23.76
CA VAL B 202 -5.10 28.17 23.81
C VAL B 202 -5.32 27.49 25.14
N PHE B 203 -5.23 28.25 26.24
CA PHE B 203 -5.39 27.61 27.54
C PHE B 203 -6.81 27.10 27.74
N ALA B 204 -7.81 27.76 27.16
CA ALA B 204 -9.17 27.26 27.22
C ALA B 204 -9.23 25.83 26.69
N VAL B 205 -8.62 25.59 25.53
CA VAL B 205 -8.55 24.24 25.00
C VAL B 205 -7.90 23.29 26.02
N TYR B 206 -6.66 23.61 26.45
CA TYR B 206 -5.99 22.74 27.42
C TYR B 206 -6.85 22.50 28.65
N GLU B 207 -7.57 23.53 29.09
CA GLU B 207 -8.41 23.42 30.27
C GLU B 207 -9.41 22.28 30.13
N SER B 208 -10.14 22.27 29.01
CA SER B 208 -11.24 21.34 28.83
C SER B 208 -10.76 19.95 28.43
N LEU B 209 -9.71 19.86 27.61
CA LEU B 209 -9.23 18.55 27.17
C LEU B 209 -8.46 17.85 28.28
N HIS B 210 -7.68 18.59 29.06
CA HIS B 210 -6.85 17.95 30.07
C HIS B 210 -7.67 17.25 31.15
N LYS B 211 -8.93 17.67 31.34
CA LYS B 211 -9.81 16.93 32.24
C LYS B 211 -10.00 15.50 31.76
N ILE B 212 -10.09 15.29 30.45
CA ILE B 212 -10.35 13.96 29.90
C ILE B 212 -9.09 13.10 29.98
N SER B 213 -8.02 13.53 29.33
CA SER B 213 -6.78 12.76 29.24
C SER B 213 -5.66 13.74 28.96
N PRO B 214 -4.38 13.36 29.23
CA PRO B 214 -3.27 14.24 28.84
C PRO B 214 -2.80 14.07 27.39
N ASN B 215 -3.39 13.16 26.62
CA ASN B 215 -2.82 12.75 25.34
C ASN B 215 -3.36 13.64 24.22
N PHE B 216 -2.95 14.92 24.25
CA PHE B 216 -3.40 15.83 23.22
C PHE B 216 -2.36 16.92 22.99
N SER B 217 -2.36 17.44 21.77
CA SER B 217 -1.45 18.48 21.32
C SER B 217 -2.29 19.57 20.67
N ILE B 218 -1.70 20.76 20.47
CA ILE B 218 -2.45 21.93 20.00
C ILE B 218 -1.76 22.60 18.82
N ALA B 219 -2.54 22.94 17.80
CA ALA B 219 -2.09 23.70 16.64
C ALA B 219 -2.76 25.06 16.66
N ALA B 220 -2.02 26.09 17.06
CA ALA B 220 -2.52 27.45 17.12
C ALA B 220 -2.21 28.22 15.84
N ALA B 221 -2.95 29.30 15.63
CA ALA B 221 -2.69 30.19 14.51
C ALA B 221 -1.63 31.21 14.93
N PHE B 222 -0.40 31.04 14.45
CA PHE B 222 0.71 31.93 14.84
C PHE B 222 1.41 32.46 13.59
N GLY B 223 0.64 32.83 12.58
CA GLY B 223 1.22 33.34 11.35
C GLY B 223 1.68 32.27 10.39
N ASN B 224 1.33 31.01 10.64
CA ASN B 224 1.73 29.91 9.77
C ASN B 224 0.66 29.71 8.70
N VAL B 225 0.79 30.47 7.62
CA VAL B 225 -0.27 30.53 6.61
C VAL B 225 -0.56 29.13 6.09
N HIS B 226 -1.85 28.76 6.09
CA HIS B 226 -2.35 27.56 5.38
C HIS B 226 -3.86 27.39 5.54
N ASN B 233 -0.99 40.11 5.30
CA ASN B 233 -1.33 40.62 6.62
C ASN B 233 -0.31 40.23 7.69
N VAL B 234 -0.14 38.92 7.86
CA VAL B 234 0.36 38.33 9.09
C VAL B 234 1.72 37.68 8.84
N GLN B 235 2.61 37.79 9.82
CA GLN B 235 3.97 37.25 9.74
C GLN B 235 4.11 36.04 10.66
N LEU B 236 5.02 35.13 10.31
CA LEU B 236 5.27 33.97 11.17
C LEU B 236 5.87 34.44 12.48
N ARG B 237 5.28 34.00 13.60
CA ARG B 237 5.70 34.42 14.93
C ARG B 237 5.77 33.22 15.87
N PRO B 238 6.80 32.37 15.73
CA PRO B 238 6.94 31.25 16.66
C PRO B 238 7.15 31.67 18.11
N GLU B 239 7.32 32.97 18.40
CA GLU B 239 7.50 33.44 19.78
C GLU B 239 6.20 33.43 20.57
N ILE B 240 5.06 33.54 19.89
CA ILE B 240 3.77 33.46 20.56
C ILE B 240 3.55 32.07 21.17
N LEU B 241 4.16 31.03 20.58
CA LEU B 241 4.04 29.70 21.16
C LEU B 241 4.78 29.60 22.49
N GLY B 242 5.80 30.45 22.68
CA GLY B 242 6.34 30.63 24.00
C GLY B 242 5.36 31.32 24.93
N ASP B 243 4.69 32.37 24.41
CA ASP B 243 3.61 33.01 25.16
C ASP B 243 2.56 32.00 25.60
N HIS B 244 2.28 31.01 24.75
CA HIS B 244 1.32 29.98 25.11
C HIS B 244 1.81 29.17 26.31
N GLN B 245 3.07 28.73 26.28
CA GLN B 245 3.65 27.95 27.39
C GLN B 245 3.73 28.78 28.66
N VAL B 246 4.18 30.03 28.57
CA VAL B 246 4.30 30.87 29.76
C VAL B 246 2.91 31.11 30.36
N TYR B 247 1.91 31.35 29.51
CA TYR B 247 0.57 31.61 30.02
C TYR B 247 0.05 30.41 30.76
N ALA B 248 0.14 29.24 30.13
CA ALA B 248 -0.37 28.01 30.74
C ALA B 248 0.39 27.69 32.02
N LYS B 249 1.74 27.75 31.97
CA LYS B 249 2.58 27.40 33.11
C LYS B 249 2.20 28.19 34.36
N LYS B 250 2.02 29.51 34.23
CA LYS B 250 1.61 30.31 35.38
C LYS B 250 0.18 29.99 35.78
N GLN B 251 -0.71 29.82 34.80
CA GLN B 251 -2.10 29.52 35.10
C GLN B 251 -2.28 28.15 35.73
N ILE B 252 -1.29 27.27 35.60
CA ILE B 252 -1.34 25.96 36.23
C ILE B 252 -0.60 25.94 37.56
N GLY B 253 0.57 26.56 37.64
CA GLY B 253 1.39 26.50 38.82
C GLY B 253 2.63 25.64 38.69
N THR B 254 2.67 24.72 37.72
CA THR B 254 3.86 23.91 37.51
C THR B 254 5.08 24.78 37.22
N ASP B 255 6.26 24.16 37.33
CA ASP B 255 7.50 24.84 37.00
C ASP B 255 8.24 24.21 35.83
N ALA B 256 7.60 23.30 35.08
CA ALA B 256 8.21 22.74 33.88
C ALA B 256 7.99 23.68 32.69
N LYS B 257 8.98 23.70 31.78
CA LYS B 257 8.98 24.64 30.67
C LYS B 257 7.78 24.45 29.75
N HIS B 258 7.36 23.20 29.54
CA HIS B 258 6.44 22.85 28.44
C HIS B 258 5.23 22.12 29.00
N PRO B 259 4.21 22.86 29.47
CA PRO B 259 2.94 22.22 29.81
C PRO B 259 2.04 21.95 28.61
N LEU B 260 2.44 22.37 27.42
CA LEU B 260 1.64 22.15 26.24
C LEU B 260 2.43 21.35 25.21
N TYR B 261 1.72 20.51 24.47
CA TYR B 261 2.27 19.90 23.27
C TYR B 261 1.77 20.69 22.07
N LEU B 262 2.70 21.26 21.31
CA LEU B 262 2.37 22.15 20.21
C LEU B 262 2.88 21.54 18.91
N VAL B 263 2.19 21.84 17.83
CA VAL B 263 2.56 21.32 16.52
C VAL B 263 2.67 22.45 15.51
N PHE B 264 3.61 22.33 14.58
CA PHE B 264 3.89 23.36 13.57
C PHE B 264 3.32 22.90 12.23
N HIS B 265 2.20 23.50 11.83
CA HIS B 265 1.55 23.20 10.56
C HIS B 265 2.09 24.04 9.40
N GLY B 266 2.54 23.36 8.36
CA GLY B 266 2.60 23.92 7.01
C GLY B 266 3.48 25.13 6.85
N GLY B 267 4.68 25.11 7.42
CA GLY B 267 5.54 26.28 7.46
C GLY B 267 6.38 26.52 6.22
N SER B 268 5.73 27.03 5.16
CA SER B 268 6.35 27.22 3.84
C SER B 268 7.68 27.95 3.94
N GLY B 269 8.77 27.20 3.78
CA GLY B 269 10.10 27.78 3.73
C GLY B 269 10.50 28.65 4.92
N SER B 270 10.22 28.19 6.13
CA SER B 270 10.67 28.91 7.31
C SER B 270 12.19 28.74 7.49
N THR B 271 12.80 29.68 8.21
CA THR B 271 14.24 29.58 8.45
C THR B 271 14.55 28.48 9.47
N GLN B 272 15.84 28.10 9.53
CA GLN B 272 16.29 27.23 10.61
C GLN B 272 16.05 27.88 11.98
N GLU B 273 16.15 29.21 12.05
CA GLU B 273 15.97 29.83 13.35
C GLU B 273 14.49 29.92 13.74
N GLU B 274 13.60 30.14 12.78
CA GLU B 274 12.18 30.11 13.09
C GLU B 274 11.77 28.71 13.59
N PHE B 275 12.32 27.66 12.98
CA PHE B 275 12.02 26.31 13.44
C PHE B 275 12.58 26.07 14.83
N ASN B 276 13.81 26.54 15.08
CA ASN B 276 14.42 26.37 16.41
C ASN B 276 13.63 27.12 17.48
N THR B 277 13.12 28.30 17.15
CA THR B 277 12.28 29.01 18.10
C THR B 277 11.04 28.17 18.44
N ALA B 278 10.37 27.63 17.43
CA ALA B 278 9.18 26.82 17.65
C ALA B 278 9.49 25.56 18.48
N ILE B 279 10.59 24.88 18.15
CA ILE B 279 10.95 23.65 18.85
C ILE B 279 11.24 23.94 20.31
N LYS B 280 11.96 25.01 20.59
CA LYS B 280 12.31 25.31 21.96
C LYS B 280 11.11 25.85 22.74
N ASN B 281 10.11 26.40 22.05
CA ASN B 281 8.83 26.67 22.69
C ASN B 281 7.92 25.42 22.76
N GLY B 282 8.43 24.23 22.50
CA GLY B 282 7.70 23.00 22.72
C GLY B 282 6.95 22.39 21.54
N VAL B 283 7.22 22.81 20.30
CA VAL B 283 6.69 22.08 19.14
C VAL B 283 7.37 20.72 19.04
N VAL B 284 6.57 19.65 18.98
CA VAL B 284 7.11 18.30 18.81
C VAL B 284 6.90 17.75 17.40
N LYS B 285 6.06 18.38 16.57
CA LYS B 285 5.64 17.82 15.30
C LYS B 285 5.60 18.93 14.26
N VAL B 286 6.22 18.72 13.09
CA VAL B 286 6.25 19.73 12.03
C VAL B 286 5.86 19.08 10.72
N ASN B 287 4.87 19.64 10.03
CA ASN B 287 4.51 19.14 8.71
C ASN B 287 4.52 20.26 7.67
N LEU B 288 4.95 19.90 6.48
CA LEU B 288 5.02 20.77 5.34
C LEU B 288 4.95 19.80 4.20
N ASP B 289 3.80 19.71 3.58
CA ASP B 289 3.57 18.75 2.56
C ASP B 289 4.21 18.88 1.19
N THR B 290 4.23 20.06 0.68
CA THR B 290 4.75 20.33 -0.60
C THR B 290 6.10 19.82 -0.91
N ASP B 291 7.06 20.02 -0.03
CA ASP B 291 8.41 19.59 -0.31
C ASP B 291 8.57 18.13 -0.57
N CYS B 292 7.82 17.31 0.15
CA CYS B 292 7.94 15.91 -0.03
C CYS B 292 7.36 15.48 -1.32
N GLN B 293 6.25 16.06 -1.65
CA GLN B 293 5.58 15.81 -2.88
C GLN B 293 6.53 16.08 -3.99
N TYR B 294 7.15 17.24 -3.97
CA TYR B 294 8.07 17.57 -5.00
C TYR B 294 9.25 16.66 -5.03
N ALA B 295 9.77 16.26 -3.90
CA ALA B 295 10.92 15.42 -3.89
C ALA B 295 10.70 14.03 -4.42
N TYR B 296 9.51 13.52 -4.26
CA TYR B 296 9.16 12.22 -4.72
C TYR B 296 9.12 12.25 -6.22
N LEU B 297 8.51 13.29 -6.75
CA LEU B 297 8.44 13.52 -8.16
C LEU B 297 9.78 13.60 -8.81
N THR B 298 10.70 14.35 -8.25
CA THR B 298 11.98 14.54 -8.92
C THR B 298 12.72 13.34 -9.37
N GLY B 299 12.82 12.34 -8.53
CA GLY B 299 13.50 11.15 -8.90
C GLY B 299 12.85 10.46 -10.06
N ILE B 300 11.54 10.50 -10.14
CA ILE B 300 10.80 9.86 -11.21
C ILE B 300 10.83 10.75 -12.42
N ARG B 301 10.76 12.05 -12.20
CA ARG B 301 10.82 13.00 -13.29
C ARG B 301 12.19 12.91 -13.89
N ASP B 302 13.26 12.74 -13.13
CA ASP B 302 14.57 12.55 -13.71
C ASP B 302 14.84 11.28 -14.55
N TYR B 303 13.87 10.37 -14.69
CA TYR B 303 13.78 9.20 -15.53
C TYR B 303 12.94 9.65 -16.78
N VAL B 304 13.42 10.73 -17.34
CA VAL B 304 13.16 11.54 -18.52
C VAL B 304 14.49 11.56 -19.27
N THR B 305 15.55 11.04 -18.70
CA THR B 305 16.77 10.91 -19.33
C THR B 305 16.85 9.56 -20.00
N ASN B 306 15.86 8.70 -19.82
CA ASN B 306 15.84 7.42 -20.41
C ASN B 306 14.60 7.35 -21.22
N LYS B 307 13.99 8.49 -21.58
CA LYS B 307 12.78 8.50 -22.41
C LYS B 307 12.94 7.60 -23.64
N ILE B 308 14.11 7.62 -24.28
CA ILE B 308 14.33 6.88 -25.51
C ILE B 308 14.21 5.37 -25.28
N GLU B 309 14.35 4.92 -24.03
CA GLU B 309 14.14 3.51 -23.68
C GLU B 309 12.73 3.23 -23.17
N TYR B 310 11.82 4.20 -23.24
CA TYR B 310 10.51 4.06 -22.61
C TYR B 310 9.37 3.94 -23.62
N LEU B 311 9.54 3.11 -24.65
CA LEU B 311 8.42 2.50 -25.38
C LEU B 311 8.74 1.03 -25.63
N LYS B 312 7.68 0.20 -25.73
CA LYS B 312 7.85 -1.24 -25.66
C LYS B 312 8.77 -1.75 -26.77
N ALA B 313 9.74 -2.59 -26.39
CA ALA B 313 10.50 -3.44 -27.32
C ALA B 313 11.53 -2.74 -28.19
N PRO B 314 11.36 -1.45 -28.48
CA PRO B 314 12.17 -0.75 -29.48
C PRO B 314 12.98 0.36 -28.80
N VAL B 315 14.29 0.16 -28.69
CA VAL B 315 15.19 1.04 -27.94
C VAL B 315 16.06 1.83 -28.89
N GLY B 316 16.23 3.12 -28.61
CA GLY B 316 17.12 3.94 -29.41
C GLY B 316 18.55 3.46 -29.31
N ASN B 317 19.04 3.29 -28.08
CA ASN B 317 20.43 2.96 -27.76
C ASN B 317 21.00 1.78 -28.55
N PRO B 318 20.60 0.54 -28.24
CA PRO B 318 21.17 -0.61 -28.98
C PRO B 318 20.46 -1.00 -30.28
N GLU B 319 19.22 -1.48 -30.24
CA GLU B 319 18.60 -2.00 -31.46
C GLU B 319 17.09 -1.87 -31.40
N GLY B 320 16.51 -1.15 -32.36
CA GLY B 320 15.07 -1.07 -32.46
C GLY B 320 14.47 -2.40 -32.85
N ALA B 321 13.23 -2.63 -32.38
CA ALA B 321 12.51 -3.90 -32.46
C ALA B 321 13.43 -5.12 -32.46
N ASP B 322 14.53 -5.04 -31.68
CA ASP B 322 15.37 -6.22 -31.42
C ASP B 322 16.15 -6.07 -30.13
N LYS B 323 15.79 -5.14 -29.24
CA LYS B 323 16.35 -5.05 -27.91
C LYS B 323 15.24 -4.65 -26.94
N PRO B 324 14.92 -5.50 -25.97
CA PRO B 324 13.73 -5.27 -25.12
C PRO B 324 13.95 -4.19 -24.08
N ASN B 325 12.86 -3.52 -23.72
CA ASN B 325 12.88 -2.42 -22.76
C ASN B 325 12.34 -2.81 -21.40
N LYS B 326 12.10 -4.10 -21.16
CA LYS B 326 11.51 -4.56 -19.91
C LYS B 326 12.26 -4.02 -18.69
N LYS B 327 13.60 -4.09 -18.73
CA LYS B 327 14.42 -3.77 -17.56
C LYS B 327 14.39 -2.29 -17.20
N TYR B 328 13.84 -1.44 -18.05
CA TYR B 328 13.74 -0.03 -17.77
C TYR B 328 12.33 0.45 -17.49
N PHE B 329 11.35 -0.20 -18.06
CA PHE B 329 9.99 0.25 -17.79
C PHE B 329 9.34 -0.49 -16.63
N ASP B 330 10.02 -1.52 -16.07
CA ASP B 330 9.59 -2.15 -14.82
C ASP B 330 9.39 -1.06 -13.76
N PRO B 331 8.15 -0.87 -13.29
CA PRO B 331 7.92 0.14 -12.22
C PRO B 331 8.82 -0.04 -11.00
N ARG B 332 9.26 -1.28 -10.69
CA ARG B 332 10.18 -1.46 -9.58
C ARG B 332 11.48 -0.66 -9.74
N VAL B 333 11.74 -0.18 -10.92
CA VAL B 333 12.94 0.55 -11.14
C VAL B 333 12.77 2.02 -11.03
N TRP B 334 11.86 2.57 -11.75
CA TRP B 334 11.67 3.98 -11.74
C TRP B 334 10.97 4.54 -10.55
N VAL B 335 10.06 3.78 -9.96
CA VAL B 335 9.37 4.25 -8.76
C VAL B 335 10.37 4.38 -7.62
N ARG B 336 11.29 3.42 -7.53
CA ARG B 336 12.37 3.47 -6.53
C ARG B 336 13.12 4.79 -6.57
N GLU B 337 13.31 5.35 -7.74
CA GLU B 337 13.97 6.60 -7.89
C GLU B 337 13.22 7.73 -7.20
N GLY B 338 11.94 7.80 -7.37
CA GLY B 338 11.16 8.76 -6.60
C GLY B 338 11.23 8.50 -5.10
N GLU B 339 11.22 7.22 -4.70
CA GLU B 339 11.38 6.89 -3.28
C GLU B 339 12.70 7.42 -2.76
N LYS B 340 13.77 7.24 -3.54
CA LYS B 340 15.10 7.61 -3.06
C LYS B 340 15.23 9.13 -2.90
N THR B 341 14.63 9.90 -3.80
CA THR B 341 14.73 11.36 -3.68
C THR B 341 13.75 11.91 -2.66
N MET B 342 12.74 11.17 -2.29
CA MET B 342 11.85 11.61 -1.27
C MET B 342 12.54 11.37 0.07
N SER B 343 13.18 10.25 0.21
CA SER B 343 13.85 9.96 1.47
C SER B 343 15.02 10.90 1.72
N LYS B 344 15.70 11.36 0.67
CA LYS B 344 16.77 12.33 0.85
C LYS B 344 16.22 13.64 1.41
N ARG B 345 15.11 14.08 0.91
CA ARG B 345 14.54 15.25 1.43
C ARG B 345 14.10 15.01 2.88
N ILE B 346 13.52 13.88 3.19
CA ILE B 346 13.11 13.62 4.54
C ILE B 346 14.31 13.59 5.44
N ALA B 347 15.35 12.95 5.01
CA ALA B 347 16.59 12.97 5.78
C ALA B 347 17.06 14.39 6.10
N GLU B 348 17.01 15.30 5.13
CA GLU B 348 17.37 16.70 5.37
C GLU B 348 16.43 17.34 6.40
N ALA B 349 15.16 16.95 6.38
CA ALA B 349 14.22 17.49 7.35
C ALA B 349 14.52 16.97 8.76
N LEU B 350 14.95 15.70 8.85
CA LEU B 350 15.28 15.12 10.15
C LEU B 350 16.51 15.78 10.76
N ASP B 351 17.43 16.26 9.91
CA ASP B 351 18.55 17.08 10.36
C ASP B 351 18.05 18.42 10.89
N ILE B 352 17.24 19.11 10.09
CA ILE B 352 16.80 20.47 10.40
C ILE B 352 16.03 20.52 11.71
N PHE B 353 15.25 19.48 12.01
CA PHE B 353 14.49 19.45 13.25
C PHE B 353 15.20 18.70 14.37
N HIS B 354 16.50 18.40 14.22
CA HIS B 354 17.32 17.80 15.27
C HIS B 354 16.74 16.47 15.74
N THR B 355 15.89 15.87 14.92
CA THR B 355 15.33 14.56 15.21
C THR B 355 16.24 13.43 14.74
N LYS B 356 17.17 13.74 13.83
CA LYS B 356 18.12 12.75 13.35
C LYS B 356 18.90 12.14 14.52
N GLY B 357 19.02 10.82 14.53
CA GLY B 357 19.89 10.15 15.46
C GLY B 357 19.40 10.10 16.90
N GLN B 358 18.14 10.45 17.16
CA GLN B 358 17.64 10.49 18.53
C GLN B 358 17.29 9.13 19.12
N LEU B 359 17.37 8.04 18.36
CA LEU B 359 17.07 6.71 18.92
C LEU B 359 18.34 6.04 19.48
#